data_8ET4
#
_entry.id   8ET4
#
_cell.length_a   179.026
_cell.length_b   179.026
_cell.length_c   185.032
_cell.angle_alpha   90.000
_cell.angle_beta   90.000
_cell.angle_gamma   120.000
#
_symmetry.space_group_name_H-M   'P 64 2 2'
#
loop_
_entity.id
_entity.type
_entity.pdbx_description
1 polymer 'Acetolactate synthase, chloroplastic'
2 non-polymer 'MAGNESIUM ION'
3 non-polymer 'FLAVIN-ADENINE DINUCLEOTIDE'
4 non-polymer N-{[(4,6-dimethoxypyrimidin-2-yl)carbamoyl]sulfamoyl}-N-methylmethanesulfonamide
5 non-polymer 'L(+)-TARTARIC ACID'
6 non-polymer '2-[N-CYCLOHEXYLAMINO]ETHANE SULFONIC ACID'
7 non-polymer '2-[3-[(4-azanyl-2-methyl-pyrimidin-5-yl)methyl]-2-[(1~{S})-1-(dioxidanyl)-1-oxidanyl-ethyl]-4-methyl-1,3-thiazol-5-yl]ethyl phosphono hydrogen phosphate'
8 non-polymer 'SULFATE ION'
9 water water
#
_entity_poly.entity_id   1
_entity_poly.type   'polypeptide(L)'
_entity_poly.pdbx_seq_one_letter_code
;TFISRFAPDQPRKGADILVEALERQGVETVFAYPGGASMEIHQALTRSSSIRNVLPRHEQGGVFAAEGYARSSGKPGICI
ATSGPGATNLVSGLADALLDSVPLVAITGQVPRRMIGTDAFQETPIVEVTRSITKHNYLVMDVEDIPRIIEEAFFLATSG
RPGPVLVDVPKDIQQQLAIPNWEQAMRLPGYMSRMPKPPEDSHLEQIVRLISESKKPVLYVGGGCLNSSDELGRFVELTG
IPVASTLMGLGSYP(CSD)DDELSLHMLGMHGTVYANYAVEHSDLLLAFGVRFDDRVTGKLEAFASRAKIVHIDIDSAEI
GKNKTPHVSVCGDVKLALQGMNKVLENRAEELKLDFGVWRNELNVQKQKFPLSFKTFGEAIPPQYAIKVLDELTDGKAII
STGVGQHQMWAAQFYNYKKPRQWLSSGGLGAMGFGLPAAIGASVANPDAIVVDIDGDGSFIMNVQELATIRVENLPVKVL
LLNNQHLGMVMQWEDRFYKANRAHTFLGDPAQEDEIFPNMLLFAAACGIPAARVTKKADLREAIQTMLDTPGPYLLDVIC
PHQEHVLPMIPSGGTFNDVITEGDGRLEHHHHHH
;
_entity_poly.pdbx_strand_id   A
#
loop_
_chem_comp.id
_chem_comp.type
_chem_comp.name
_chem_comp.formula
AUJ non-polymer '2-[3-[(4-azanyl-2-methyl-pyrimidin-5-yl)methyl]-2-[(1~{S})-1-(dioxidanyl)-1-oxidanyl-ethyl]-4-methyl-1,3-thiazol-5-yl]ethyl phosphono hydrogen phosphate' 'C14 H23 N4 O10 P2 S 1'
FAD non-polymer 'FLAVIN-ADENINE DINUCLEOTIDE' 'C27 H33 N9 O15 P2'
MG non-polymer 'MAGNESIUM ION' 'Mg 2'
NHE non-polymer '2-[N-CYCLOHEXYLAMINO]ETHANE SULFONIC ACID' 'C8 H17 N O3 S'
SO4 non-polymer 'SULFATE ION' 'O4 S -2'
TLA non-polymer 'L(+)-TARTARIC ACID' 'C4 H6 O6'
WRQ non-polymer N-{[(4,6-dimethoxypyrimidin-2-yl)carbamoyl]sulfamoyl}-N-methylmethanesulfonamide 'C9 H15 N5 O7 S2'
#
# COMPACT_ATOMS: atom_id res chain seq x y z
N THR A 1 28.52 12.10 11.22
CA THR A 1 28.69 13.52 11.51
C THR A 1 28.06 14.39 10.42
N PHE A 2 27.00 15.11 10.79
CA PHE A 2 26.24 15.91 9.84
C PHE A 2 26.93 17.24 9.56
N ILE A 3 26.88 17.67 8.31
CA ILE A 3 27.49 18.92 7.87
C ILE A 3 26.37 19.90 7.52
N SER A 4 26.23 20.95 8.31
CA SER A 4 25.21 21.95 8.05
C SER A 4 25.71 22.98 7.02
N ARG A 5 24.77 23.71 6.44
CA ARG A 5 25.08 24.82 5.55
C ARG A 5 25.13 26.15 6.29
N PHE A 6 25.00 26.14 7.62
CA PHE A 6 24.99 27.33 8.43
C PHE A 6 25.89 27.15 9.63
N ALA A 7 26.48 28.25 10.10
CA ALA A 7 27.33 28.20 11.27
C ALA A 7 26.50 27.90 12.52
N PRO A 8 27.08 27.25 13.53
CA PRO A 8 26.31 26.93 14.74
C PRO A 8 25.82 28.16 15.49
N ASP A 9 26.42 29.32 15.26
CA ASP A 9 26.02 30.57 15.89
C ASP A 9 25.30 31.51 14.93
N GLN A 10 24.99 31.05 13.72
CA GLN A 10 24.39 31.91 12.70
C GLN A 10 22.89 31.73 12.70
N PRO A 11 22.11 32.78 12.97
CA PRO A 11 20.65 32.64 12.89
C PRO A 11 20.21 32.41 11.45
N ARG A 12 19.15 31.61 11.31
CA ARG A 12 18.61 31.27 10.00
C ARG A 12 17.10 31.24 10.09
N LYS A 13 16.45 31.36 8.92
CA LYS A 13 15.00 31.32 8.86
C LYS A 13 14.48 29.98 9.38
N GLY A 14 13.27 30.02 9.94
CA GLY A 14 12.63 28.78 10.37
C GLY A 14 12.45 27.79 9.24
N ALA A 15 12.18 28.28 8.03
CA ALA A 15 12.07 27.39 6.88
C ALA A 15 13.38 26.67 6.62
N ASP A 16 14.50 27.38 6.76
CA ASP A 16 15.81 26.74 6.60
C ASP A 16 16.11 25.76 7.73
N ILE A 17 15.52 25.98 8.91
CA ILE A 17 15.64 25.01 9.98
C ILE A 17 14.81 23.77 9.67
N LEU A 18 13.62 23.97 9.10
CA LEU A 18 12.77 22.85 8.74
C LEU A 18 13.44 21.95 7.70
N VAL A 19 14.06 22.54 6.69
CA VAL A 19 14.71 21.75 5.65
C VAL A 19 15.90 20.98 6.23
N GLU A 20 16.73 21.67 7.04
CA GLU A 20 17.86 20.99 7.67
C GLU A 20 17.38 19.89 8.62
N ALA A 21 16.21 20.08 9.24
CA ALA A 21 15.64 19.03 10.07
C ALA A 21 15.31 17.79 9.23
N LEU A 22 14.91 18.00 7.96
CA LEU A 22 14.69 16.88 7.06
C LEU A 22 16.01 16.24 6.64
N GLU A 23 17.02 17.05 6.36
CA GLU A 23 18.32 16.51 5.99
C GLU A 23 18.90 15.63 7.10
N ARG A 24 18.73 16.05 8.34
CA ARG A 24 19.23 15.26 9.47
C ARG A 24 18.44 13.98 9.69
N GLN A 25 17.31 13.81 9.00
CA GLN A 25 16.54 12.57 9.06
C GLN A 25 16.84 11.65 7.88
N GLY A 26 17.72 12.06 6.98
CA GLY A 26 18.05 11.27 5.80
C GLY A 26 17.14 11.47 4.62
N VAL A 27 16.33 12.52 4.62
CA VAL A 27 15.37 12.76 3.55
C VAL A 27 16.13 13.15 2.29
N GLU A 28 15.89 12.41 1.20
CA GLU A 28 16.49 12.73 -0.09
C GLU A 28 15.48 13.23 -1.11
N THR A 29 14.20 12.93 -0.94
CA THR A 29 13.17 13.29 -1.91
C THR A 29 11.92 13.74 -1.18
N VAL A 30 11.36 14.87 -1.63
CA VAL A 30 10.07 15.36 -1.13
C VAL A 30 9.17 15.61 -2.32
N PHE A 31 7.87 15.66 -2.05
CA PHE A 31 6.85 15.93 -3.07
C PHE A 31 6.09 17.18 -2.64
N ALA A 32 6.59 18.34 -3.06
CA ALA A 32 6.11 19.63 -2.58
C ALA A 32 5.45 20.40 -3.72
N TYR A 33 4.29 20.98 -3.43
CA TYR A 33 3.58 21.85 -4.37
C TYR A 33 3.47 23.24 -3.75
N PRO A 34 4.00 24.27 -4.40
CA PRO A 34 4.17 25.57 -3.74
C PRO A 34 2.86 26.33 -3.58
N GLY A 35 2.88 27.25 -2.62
CA GLY A 35 1.76 28.14 -2.38
C GLY A 35 2.20 29.27 -1.48
N GLY A 36 1.30 30.23 -1.29
CA GLY A 36 1.65 31.41 -0.51
C GLY A 36 2.12 31.08 0.90
N ALA A 37 1.47 30.11 1.55
CA ALA A 37 1.81 29.77 2.92
C ALA A 37 3.11 29.00 3.04
N SER A 38 3.53 28.29 1.99
CA SER A 38 4.74 27.46 2.06
C SER A 38 5.83 27.96 1.13
N MET A 39 5.76 29.22 0.68
CA MET A 39 6.79 29.72 -0.22
C MET A 39 8.16 29.75 0.44
N GLU A 40 8.19 30.08 1.73
CA GLU A 40 9.47 30.13 2.45
C GLU A 40 10.12 28.75 2.49
N ILE A 41 9.31 27.71 2.64
CA ILE A 41 9.85 26.34 2.65
C ILE A 41 10.39 25.97 1.28
N HIS A 42 9.70 26.38 0.22
CA HIS A 42 10.17 26.05 -1.13
C HIS A 42 11.45 26.79 -1.46
N GLN A 43 11.60 28.03 -1.00
CA GLN A 43 12.87 28.73 -1.16
C GLN A 43 13.99 28.01 -0.41
N ALA A 44 13.69 27.54 0.80
CA ALA A 44 14.70 26.83 1.58
C ALA A 44 15.06 25.48 0.98
N LEU A 45 14.16 24.89 0.19
CA LEU A 45 14.48 23.63 -0.47
C LEU A 45 15.48 23.82 -1.59
N THR A 46 15.40 24.94 -2.31
CA THR A 46 16.36 25.20 -3.38
C THR A 46 17.76 25.43 -2.83
N ARG A 47 17.87 25.87 -1.57
CA ARG A 47 19.17 26.04 -0.93
C ARG A 47 19.76 24.73 -0.43
N SER A 48 19.00 23.64 -0.49
CA SER A 48 19.49 22.33 -0.07
C SER A 48 20.06 21.60 -1.27
N SER A 49 21.27 21.07 -1.11
CA SER A 49 21.93 20.31 -2.16
C SER A 49 21.62 18.82 -2.11
N SER A 50 21.00 18.33 -1.04
CA SER A 50 20.73 16.91 -0.87
C SER A 50 19.27 16.53 -1.04
N ILE A 51 18.33 17.48 -0.89
CA ILE A 51 16.91 17.18 -0.99
C ILE A 51 16.42 17.59 -2.38
N ARG A 52 15.89 16.61 -3.11
CA ARG A 52 15.31 16.82 -4.43
C ARG A 52 13.80 16.84 -4.32
N ASN A 53 13.17 17.80 -4.99
CA ASN A 53 11.72 17.94 -4.97
C ASN A 53 11.14 17.46 -6.29
N VAL A 54 10.11 16.62 -6.20
CA VAL A 54 9.35 16.19 -7.36
C VAL A 54 8.04 16.97 -7.31
N LEU A 55 7.92 17.96 -8.18
CA LEU A 55 6.72 18.80 -8.24
C LEU A 55 5.59 18.01 -8.87
N PRO A 56 4.52 17.70 -8.15
CA PRO A 56 3.35 17.05 -8.75
C PRO A 56 2.48 18.09 -9.43
N ARG A 57 1.40 17.61 -10.05
CA ARG A 57 0.41 18.51 -10.64
C ARG A 57 -0.86 18.59 -9.81
N HIS A 58 -0.91 17.86 -8.69
CA HIS A 58 -2.04 17.89 -7.78
C HIS A 58 -1.54 17.35 -6.45
N GLU A 59 -1.91 18.01 -5.35
CA GLU A 59 -1.39 17.61 -4.05
C GLU A 59 -1.84 16.20 -3.67
N GLN A 60 -3.02 15.77 -4.14
CA GLN A 60 -3.40 14.38 -3.96
C GLN A 60 -2.39 13.46 -4.66
N GLY A 61 -1.89 13.89 -5.81
CA GLY A 61 -0.80 13.17 -6.44
C GLY A 61 0.49 13.25 -5.65
N GLY A 62 0.73 14.38 -4.99
CA GLY A 62 1.93 14.51 -4.18
C GLY A 62 1.95 13.55 -2.99
N VAL A 63 0.81 13.41 -2.30
CA VAL A 63 0.76 12.52 -1.14
C VAL A 63 0.70 11.06 -1.57
N PHE A 64 0.01 10.76 -2.68
CA PHE A 64 0.00 9.40 -3.20
C PHE A 64 1.39 9.00 -3.69
N ALA A 65 2.13 9.94 -4.27
CA ALA A 65 3.51 9.67 -4.63
C ALA A 65 4.35 9.40 -3.39
N ALA A 66 4.12 10.17 -2.33
CA ALA A 66 4.85 9.93 -1.08
C ALA A 66 4.55 8.54 -0.52
N GLU A 67 3.32 8.04 -0.74
CA GLU A 67 3.00 6.68 -0.32
C GLU A 67 3.80 5.65 -1.11
N GLY A 68 3.76 5.74 -2.44
CA GLY A 68 4.52 4.82 -3.26
C GLY A 68 5.99 4.82 -2.92
N TYR A 69 6.55 6.02 -2.68
CA TYR A 69 7.92 6.12 -2.19
C TYR A 69 8.10 5.31 -0.92
N ALA A 70 7.15 5.40 0.01
CA ALA A 70 7.27 4.72 1.28
C ALA A 70 7.02 3.22 1.16
N ARG A 71 5.98 2.83 0.41
CA ARG A 71 5.61 1.42 0.33
C ARG A 71 6.64 0.60 -0.42
N SER A 72 7.37 1.22 -1.34
CA SER A 72 8.33 0.52 -2.18
C SER A 72 9.75 0.59 -1.66
N SER A 73 9.96 1.09 -0.44
CA SER A 73 11.31 1.28 0.08
C SER A 73 11.40 1.07 1.58
N GLY A 74 10.29 1.22 2.30
CA GLY A 74 10.33 1.19 3.75
C GLY A 74 10.76 2.48 4.40
N LYS A 75 11.26 3.45 3.64
CA LYS A 75 11.55 4.77 4.16
C LYS A 75 10.25 5.57 4.29
N PRO A 76 10.23 6.59 5.13
CA PRO A 76 9.05 7.46 5.20
C PRO A 76 8.95 8.36 3.98
N GLY A 77 7.72 8.56 3.51
CA GLY A 77 7.46 9.44 2.39
C GLY A 77 7.05 10.82 2.87
N ILE A 78 7.66 11.84 2.27
CA ILE A 78 7.47 13.23 2.70
C ILE A 78 6.79 14.00 1.58
N CYS A 79 5.63 14.58 1.88
CA CYS A 79 4.91 15.45 0.97
C CYS A 79 4.67 16.80 1.65
N ILE A 80 4.74 17.87 0.86
CA ILE A 80 4.60 19.23 1.36
C ILE A 80 3.55 19.95 0.53
N ALA A 81 2.71 20.75 1.20
CA ALA A 81 1.64 21.47 0.52
C ALA A 81 1.43 22.81 1.22
N THR A 82 0.76 23.71 0.52
CA THR A 82 0.44 25.01 1.10
C THR A 82 -0.83 24.89 1.95
N SER A 83 -1.22 26.01 2.56
CA SER A 83 -2.40 26.03 3.40
C SER A 83 -3.67 25.92 2.56
N GLY A 84 -4.80 25.80 3.25
CA GLY A 84 -6.10 25.83 2.62
C GLY A 84 -6.28 24.74 1.59
N PRO A 85 -6.46 25.14 0.32
CA PRO A 85 -6.77 24.13 -0.71
C PRO A 85 -5.62 23.17 -0.97
N GLY A 86 -4.39 23.57 -0.70
CA GLY A 86 -3.29 22.64 -0.80
C GLY A 86 -3.37 21.55 0.26
N ALA A 87 -3.58 21.95 1.52
CA ALA A 87 -3.67 20.98 2.60
C ALA A 87 -4.88 20.07 2.44
N THR A 88 -6.03 20.63 2.06
CA THR A 88 -7.23 19.79 1.93
C THR A 88 -7.09 18.76 0.82
N ASN A 89 -6.23 19.00 -0.17
CA ASN A 89 -6.01 18.01 -1.22
C ASN A 89 -5.16 16.83 -0.76
N LEU A 90 -4.55 16.90 0.42
CA LEU A 90 -3.81 15.77 0.97
C LEU A 90 -4.69 14.80 1.74
N VAL A 91 -5.97 15.14 1.95
CA VAL A 91 -6.79 14.42 2.93
C VAL A 91 -6.93 12.95 2.54
N SER A 92 -7.23 12.68 1.27
CA SER A 92 -7.41 11.30 0.83
C SER A 92 -6.13 10.49 1.03
N GLY A 93 -4.96 11.11 0.89
CA GLY A 93 -3.72 10.38 1.08
C GLY A 93 -3.41 10.12 2.55
N LEU A 94 -3.73 11.08 3.41
CA LEU A 94 -3.52 10.88 4.84
C LEU A 94 -4.37 9.74 5.37
N ALA A 95 -5.68 9.78 5.09
CA ALA A 95 -6.55 8.69 5.51
C ALA A 95 -6.09 7.37 4.90
N ASP A 96 -5.63 7.40 3.66
CA ASP A 96 -5.18 6.17 3.01
C ASP A 96 -3.92 5.63 3.69
N ALA A 97 -2.99 6.50 4.05
CA ALA A 97 -1.77 6.05 4.72
C ALA A 97 -2.05 5.55 6.13
N LEU A 98 -3.09 6.07 6.79
CA LEU A 98 -3.42 5.62 8.13
C LEU A 98 -4.01 4.21 8.12
N LEU A 99 -4.94 3.96 7.21
CA LEU A 99 -5.60 2.66 7.18
C LEU A 99 -4.65 1.54 6.75
N ASP A 100 -3.66 1.86 5.93
CA ASP A 100 -2.70 0.87 5.46
C ASP A 100 -1.39 0.90 6.23
N SER A 101 -1.28 1.77 7.24
CA SER A 101 -0.11 1.82 8.12
C SER A 101 1.17 2.09 7.33
N VAL A 102 1.15 3.19 6.59
CA VAL A 102 2.25 3.61 5.73
C VAL A 102 2.97 4.76 6.41
N PRO A 103 4.29 4.68 6.61
CA PRO A 103 5.03 5.79 7.21
C PRO A 103 5.06 7.00 6.28
N LEU A 104 4.54 8.12 6.78
CA LEU A 104 4.40 9.31 5.95
C LEU A 104 4.46 10.55 6.83
N VAL A 105 5.12 11.59 6.35
CA VAL A 105 5.25 12.85 7.06
C VAL A 105 4.80 13.96 6.11
N ALA A 106 3.68 14.60 6.44
CA ALA A 106 3.12 15.66 5.62
C ALA A 106 3.36 17.00 6.30
N ILE A 107 3.91 17.95 5.55
CA ILE A 107 4.17 19.30 6.05
C ILE A 107 3.27 20.26 5.28
N THR A 108 2.40 20.97 6.00
CA THR A 108 1.51 21.94 5.39
C THR A 108 1.84 23.33 5.90
N GLY A 109 1.86 24.30 5.00
CA GLY A 109 1.93 25.68 5.40
C GLY A 109 0.65 26.14 6.08
N GLN A 110 0.76 27.21 6.83
CA GLN A 110 -0.38 27.74 7.57
C GLN A 110 -0.25 29.26 7.64
N VAL A 111 -1.39 29.92 7.83
CA VAL A 111 -1.45 31.36 7.99
C VAL A 111 -0.60 31.75 9.20
N PRO A 112 -0.09 32.97 9.27
CA PRO A 112 0.67 33.38 10.46
C PRO A 112 -0.14 33.18 11.72
N ARG A 113 0.57 32.93 12.83
CA ARG A 113 -0.10 32.57 14.09
C ARG A 113 -1.15 33.59 14.49
N ARG A 114 -0.86 34.88 14.28
CA ARG A 114 -1.80 35.93 14.67
C ARG A 114 -3.11 35.88 13.90
N MET A 115 -3.14 35.19 12.75
CA MET A 115 -4.32 35.16 11.90
C MET A 115 -5.12 33.86 12.04
N ILE A 116 -4.67 32.92 12.87
CA ILE A 116 -5.36 31.64 12.97
C ILE A 116 -6.71 31.84 13.64
N GLY A 117 -7.76 31.30 13.01
CA GLY A 117 -9.10 31.42 13.50
C GLY A 117 -9.88 32.62 12.98
N THR A 118 -9.25 33.49 12.21
CA THR A 118 -9.89 34.71 11.71
C THR A 118 -10.50 34.52 10.33
N ASP A 119 -10.65 33.29 9.85
CA ASP A 119 -11.12 33.01 8.49
C ASP A 119 -10.26 33.74 7.47
N ALA A 120 -8.95 33.65 7.67
CA ALA A 120 -7.98 34.39 6.86
C ALA A 120 -7.91 33.77 5.45
N PHE A 121 -7.13 34.43 4.59
CA PHE A 121 -6.99 34.00 3.20
C PHE A 121 -6.33 32.63 3.14
N GLN A 122 -7.06 31.66 2.59
CA GLN A 122 -6.57 30.29 2.41
C GLN A 122 -6.23 29.64 3.75
N GLU A 123 -7.17 29.73 4.68
CA GLU A 123 -7.01 29.13 6.00
C GLU A 123 -8.06 28.07 6.22
N THR A 124 -7.62 26.87 6.60
CA THR A 124 -8.52 25.84 7.09
C THR A 124 -7.82 25.21 8.29
N PRO A 125 -8.58 24.83 9.32
CA PRO A 125 -7.95 24.17 10.48
C PRO A 125 -7.54 22.75 10.13
N ILE A 126 -6.41 22.60 9.45
CA ILE A 126 -6.05 21.30 8.91
C ILE A 126 -5.74 20.31 10.02
N VAL A 127 -5.28 20.80 11.18
CA VAL A 127 -5.05 19.92 12.31
C VAL A 127 -6.36 19.37 12.84
N GLU A 128 -7.38 20.23 12.97
CA GLU A 128 -8.70 19.76 13.39
C GLU A 128 -9.30 18.82 12.36
N VAL A 129 -9.04 19.05 11.08
CA VAL A 129 -9.63 18.23 10.03
C VAL A 129 -9.01 16.83 10.03
N THR A 130 -7.68 16.75 10.15
CA THR A 130 -6.95 15.51 9.97
C THR A 130 -6.63 14.79 11.27
N ARG A 131 -7.23 15.19 12.40
CA ARG A 131 -6.89 14.54 13.66
C ARG A 131 -7.32 13.08 13.67
N SER A 132 -8.46 12.77 13.06
CA SER A 132 -9.01 11.41 13.05
C SER A 132 -8.52 10.58 11.87
N ILE A 133 -7.70 11.14 10.98
CA ILE A 133 -7.21 10.39 9.83
C ILE A 133 -5.69 10.46 9.76
N THR A 134 -5.05 10.79 10.89
CA THR A 134 -3.60 10.74 11.01
C THR A 134 -3.21 10.05 12.31
N LYS A 135 -2.02 9.45 12.32
CA LYS A 135 -1.49 8.88 13.55
C LYS A 135 -1.26 9.94 14.60
N HIS A 136 -0.86 11.14 14.16
CA HIS A 136 -0.67 12.29 15.02
C HIS A 136 -0.49 13.51 14.13
N ASN A 137 -0.70 14.70 14.70
CA ASN A 137 -0.41 15.92 13.99
C ASN A 137 0.06 16.99 14.97
N TYR A 138 0.60 18.07 14.42
CA TYR A 138 1.19 19.13 15.21
C TYR A 138 0.80 20.48 14.63
N LEU A 139 0.83 21.50 15.48
CA LEU A 139 0.74 22.90 15.07
C LEU A 139 1.90 23.62 15.71
N VAL A 140 2.93 23.92 14.91
CA VAL A 140 4.12 24.57 15.43
C VAL A 140 3.76 26.00 15.82
N MET A 141 3.94 26.33 17.10
CA MET A 141 3.63 27.65 17.61
C MET A 141 4.86 28.47 17.95
N ASP A 142 6.06 27.92 17.76
CA ASP A 142 7.29 28.66 17.98
C ASP A 142 8.40 28.03 17.15
N VAL A 143 9.31 28.88 16.66
CA VAL A 143 10.33 28.40 15.74
C VAL A 143 11.30 27.44 16.44
N GLU A 144 11.47 27.57 17.75
CA GLU A 144 12.38 26.69 18.46
C GLU A 144 11.86 25.27 18.61
N ASP A 145 10.58 25.03 18.35
CA ASP A 145 10.02 23.69 18.41
C ASP A 145 10.20 22.90 17.11
N ILE A 146 10.74 23.53 16.07
CA ILE A 146 10.87 22.84 14.78
C ILE A 146 11.78 21.61 14.88
N PRO A 147 12.99 21.69 15.44
CA PRO A 147 13.81 20.48 15.52
C PRO A 147 13.15 19.35 16.29
N ARG A 148 12.46 19.67 17.39
CA ARG A 148 11.84 18.63 18.19
C ARG A 148 10.64 18.01 17.47
N ILE A 149 9.78 18.85 16.88
CA ILE A 149 8.55 18.35 16.28
C ILE A 149 8.87 17.51 15.04
N ILE A 150 9.82 17.95 14.22
CA ILE A 150 10.20 17.17 13.04
C ILE A 150 10.79 15.82 13.46
N GLU A 151 11.57 15.81 14.54
CA GLU A 151 12.11 14.54 15.02
C GLU A 151 11.01 13.64 15.57
N GLU A 152 10.08 14.21 16.35
CA GLU A 152 8.95 13.44 16.84
C GLU A 152 8.06 12.96 15.71
N ALA A 153 7.93 13.75 14.65
CA ALA A 153 7.06 13.37 13.54
C ALA A 153 7.60 12.15 12.82
N PHE A 154 8.90 12.15 12.52
CA PHE A 154 9.51 11.00 11.85
C PHE A 154 9.55 9.78 12.76
N PHE A 155 9.76 9.98 14.05
CA PHE A 155 9.78 8.85 14.98
C PHE A 155 8.41 8.20 15.06
N LEU A 156 7.35 9.01 15.20
CA LEU A 156 6.00 8.45 15.29
C LEU A 156 5.57 7.83 13.98
N ALA A 157 5.97 8.41 12.85
CA ALA A 157 5.52 7.91 11.55
C ALA A 157 6.15 6.55 11.23
N THR A 158 7.34 6.28 11.74
CA THR A 158 8.10 5.09 11.35
C THR A 158 8.15 4.01 12.41
N SER A 159 8.03 4.35 13.68
CA SER A 159 8.13 3.36 14.75
C SER A 159 6.78 2.73 15.03
N GLY A 160 6.81 1.60 15.74
CA GLY A 160 5.58 0.90 16.08
C GLY A 160 4.80 0.54 14.85
N ARG A 161 3.48 0.75 14.93
CA ARG A 161 2.64 0.65 13.75
C ARG A 161 2.77 1.95 12.96
N PRO A 162 3.37 1.91 11.76
CA PRO A 162 3.63 3.16 11.03
C PRO A 162 2.33 3.84 10.64
N GLY A 163 2.46 5.13 10.30
CA GLY A 163 1.32 5.93 9.92
C GLY A 163 1.71 7.34 9.51
N PRO A 164 0.73 8.12 9.06
CA PRO A 164 1.01 9.50 8.65
C PRO A 164 1.02 10.46 9.83
N VAL A 165 1.94 11.42 9.77
CA VAL A 165 2.04 12.49 10.77
C VAL A 165 2.10 13.81 10.02
N LEU A 166 1.18 14.71 10.34
CA LEU A 166 1.10 16.01 9.68
C LEU A 166 1.67 17.09 10.59
N VAL A 167 2.44 18.00 10.02
CA VAL A 167 3.05 19.10 10.75
C VAL A 167 2.61 20.41 10.09
N ASP A 168 1.78 21.17 10.80
CA ASP A 168 1.28 22.45 10.32
C ASP A 168 2.24 23.55 10.74
N VAL A 169 2.77 24.30 9.77
CA VAL A 169 3.80 25.31 10.05
C VAL A 169 3.32 26.69 9.60
N PRO A 170 3.04 27.60 10.52
CA PRO A 170 2.61 28.95 10.13
C PRO A 170 3.72 29.71 9.41
N LYS A 171 3.30 30.66 8.57
CA LYS A 171 4.24 31.38 7.72
C LYS A 171 5.20 32.24 8.52
N ASP A 172 4.73 32.86 9.61
CA ASP A 172 5.62 33.70 10.40
C ASP A 172 6.71 32.89 11.08
N ILE A 173 6.43 31.63 11.40
CA ILE A 173 7.44 30.75 11.97
C ILE A 173 8.50 30.41 10.94
N GLN A 174 8.10 30.28 9.67
CA GLN A 174 9.06 30.02 8.61
C GLN A 174 10.00 31.18 8.38
N GLN A 175 9.57 32.41 8.70
CA GLN A 175 10.36 33.61 8.47
C GLN A 175 11.16 34.03 9.69
N GLN A 176 10.80 33.56 10.88
CA GLN A 176 11.47 33.98 12.11
C GLN A 176 12.88 33.42 12.16
N LEU A 177 13.86 34.28 12.40
CA LEU A 177 15.25 33.86 12.50
C LEU A 177 15.52 33.30 13.89
N ALA A 178 16.29 32.20 13.93
CA ALA A 178 16.63 31.57 15.19
C ALA A 178 17.84 30.65 14.98
N ILE A 179 18.34 30.12 16.09
CA ILE A 179 19.44 29.16 16.11
C ILE A 179 18.88 27.84 16.62
N PRO A 180 18.78 26.82 15.77
CA PRO A 180 18.13 25.58 16.20
C PRO A 180 18.98 24.80 17.19
N ASN A 181 18.29 24.13 18.11
CA ASN A 181 18.91 23.23 19.09
C ASN A 181 18.56 21.81 18.64
N TRP A 182 19.53 21.12 18.05
CA TRP A 182 19.32 19.77 17.53
C TRP A 182 19.46 18.69 18.61
N GLU A 183 19.71 19.06 19.86
CA GLU A 183 19.90 18.08 20.93
C GLU A 183 18.71 18.00 21.88
N GLN A 184 17.56 18.56 21.48
CA GLN A 184 16.39 18.54 22.35
C GLN A 184 15.85 17.12 22.47
N ALA A 185 15.35 16.79 23.66
CA ALA A 185 14.76 15.47 23.90
C ALA A 185 13.31 15.44 23.43
N MET A 186 12.94 14.34 22.77
CA MET A 186 11.57 14.18 22.33
C MET A 186 10.64 14.07 23.54
N ARG A 187 9.51 14.76 23.48
CA ARG A 187 8.53 14.75 24.56
C ARG A 187 7.40 13.79 24.20
N LEU A 188 7.74 12.51 24.18
CA LEU A 188 6.79 11.42 23.94
C LEU A 188 6.90 10.38 25.04
N PRO A 189 6.66 10.76 26.29
CA PRO A 189 6.91 9.80 27.38
C PRO A 189 5.91 8.66 27.42
N GLY A 190 4.63 8.93 27.18
CA GLY A 190 3.64 7.87 27.23
C GLY A 190 3.74 6.92 26.05
N TYR A 191 3.98 7.46 24.86
CA TYR A 191 4.10 6.61 23.67
C TYR A 191 5.29 5.69 23.77
N MET A 192 6.43 6.20 24.27
CA MET A 192 7.62 5.37 24.36
C MET A 192 7.53 4.35 25.49
N SER A 193 6.73 4.62 26.52
CA SER A 193 6.48 3.61 27.55
C SER A 193 5.48 2.56 27.10
N ARG A 194 4.66 2.86 26.11
CA ARG A 194 3.73 1.91 25.53
C ARG A 194 4.34 1.09 24.40
N MET A 195 5.59 1.37 24.03
CA MET A 195 6.23 0.63 22.94
C MET A 195 6.43 -0.82 23.35
N PRO A 196 5.97 -1.78 22.55
CA PRO A 196 6.08 -3.19 22.95
C PRO A 196 7.53 -3.60 23.16
N LYS A 197 7.73 -4.48 24.12
CA LYS A 197 9.04 -5.05 24.41
C LYS A 197 9.30 -6.23 23.48
N PRO A 198 10.56 -6.64 23.35
CA PRO A 198 10.85 -7.88 22.62
C PRO A 198 10.14 -9.06 23.24
N PRO A 199 9.64 -9.99 22.42
CA PRO A 199 8.75 -11.03 22.95
C PRO A 199 9.47 -11.94 23.94
N GLU A 200 8.73 -12.36 24.95
CA GLU A 200 9.28 -13.24 25.99
C GLU A 200 9.31 -14.68 25.50
N ASP A 201 10.27 -15.45 26.03
CA ASP A 201 10.42 -16.84 25.62
C ASP A 201 9.21 -17.69 26.03
N SER A 202 8.56 -17.34 27.14
CA SER A 202 7.43 -18.14 27.60
C SER A 202 6.28 -18.10 26.60
N HIS A 203 6.04 -16.94 25.98
CA HIS A 203 4.98 -16.86 24.97
C HIS A 203 5.37 -17.61 23.70
N LEU A 204 6.63 -17.50 23.29
CA LEU A 204 7.09 -18.19 22.09
C LEU A 204 7.10 -19.70 22.27
N GLU A 205 7.42 -20.18 23.47
CA GLU A 205 7.39 -21.63 23.72
C GLU A 205 5.99 -22.19 23.51
N GLN A 206 4.96 -21.47 23.95
CA GLN A 206 3.60 -21.99 23.85
C GLN A 206 3.10 -21.99 22.41
N ILE A 207 3.61 -21.10 21.57
CA ILE A 207 3.22 -21.10 20.17
C ILE A 207 3.79 -22.32 19.47
N VAL A 208 5.10 -22.57 19.62
CA VAL A 208 5.69 -23.78 19.08
C VAL A 208 5.05 -25.02 19.69
N ARG A 209 4.64 -24.94 20.95
CA ARG A 209 3.92 -26.04 21.57
C ARG A 209 2.61 -26.33 20.84
N LEU A 210 1.86 -25.28 20.50
CA LEU A 210 0.60 -25.47 19.80
C LEU A 210 0.79 -25.93 18.36
N ILE A 211 1.94 -25.65 17.76
CA ILE A 211 2.20 -26.09 16.39
C ILE A 211 2.35 -27.61 16.34
N SER A 212 3.06 -28.19 17.31
CA SER A 212 3.25 -29.64 17.33
C SER A 212 1.97 -30.37 17.66
N GLU A 213 1.10 -29.75 18.47
CA GLU A 213 -0.18 -30.36 18.82
C GLU A 213 -1.24 -30.20 17.74
N SER A 214 -0.98 -29.39 16.72
CA SER A 214 -1.96 -29.13 15.67
C SER A 214 -1.76 -30.08 14.49
N LYS A 215 -2.85 -30.27 13.73
CA LYS A 215 -2.83 -31.10 12.54
C LYS A 215 -3.16 -30.35 11.25
N LYS A 216 -3.84 -29.21 11.34
CA LYS A 216 -4.23 -28.43 10.16
C LYS A 216 -3.88 -26.95 10.38
N PRO A 217 -2.60 -26.61 10.41
CA PRO A 217 -2.21 -25.23 10.65
C PRO A 217 -2.16 -24.40 9.37
N VAL A 218 -2.52 -23.13 9.51
CA VAL A 218 -2.51 -22.17 8.41
C VAL A 218 -1.84 -20.89 8.88
N LEU A 219 -0.91 -20.37 8.07
CA LEU A 219 -0.32 -19.07 8.32
C LEU A 219 -1.18 -17.98 7.70
N TYR A 220 -1.53 -16.98 8.50
CA TYR A 220 -2.38 -15.85 8.11
C TYR A 220 -1.49 -14.61 8.13
N VAL A 221 -0.83 -14.34 7.00
CA VAL A 221 0.21 -13.33 6.89
C VAL A 221 -0.36 -12.05 6.29
N GLY A 222 0.04 -10.91 6.84
CA GLY A 222 -0.42 -9.63 6.33
C GLY A 222 0.66 -8.57 6.23
N GLY A 223 0.25 -7.30 6.15
CA GLY A 223 1.19 -6.21 5.91
C GLY A 223 2.21 -6.03 7.02
N GLY A 224 1.98 -6.64 8.18
CA GLY A 224 2.95 -6.57 9.26
C GLY A 224 4.22 -7.35 9.03
N CYS A 225 4.27 -8.17 7.97
CA CYS A 225 5.43 -9.00 7.69
C CYS A 225 6.28 -8.45 6.55
N LEU A 226 6.03 -7.22 6.10
CA LEU A 226 6.75 -6.68 4.96
C LEU A 226 8.24 -6.57 5.21
N ASN A 227 8.67 -6.54 6.48
CA ASN A 227 10.08 -6.49 6.82
C ASN A 227 10.58 -7.81 7.40
N SER A 228 9.82 -8.90 7.23
CA SER A 228 10.18 -10.19 7.81
C SER A 228 10.16 -11.29 6.76
N SER A 229 10.47 -10.96 5.50
CA SER A 229 10.41 -11.97 4.45
C SER A 229 11.40 -13.11 4.71
N ASP A 230 12.60 -12.78 5.15
CA ASP A 230 13.59 -13.80 5.45
C ASP A 230 13.18 -14.63 6.67
N GLU A 231 12.76 -13.97 7.75
CA GLU A 231 12.36 -14.68 8.96
C GLU A 231 11.13 -15.54 8.71
N LEU A 232 10.20 -15.07 7.88
CA LEU A 232 9.00 -15.85 7.58
C LEU A 232 9.34 -17.06 6.73
N GLY A 233 10.22 -16.89 5.74
CA GLY A 233 10.63 -18.02 4.93
C GLY A 233 11.36 -19.09 5.73
N ARG A 234 12.24 -18.66 6.64
CA ARG A 234 12.90 -19.61 7.53
C ARG A 234 11.90 -20.32 8.42
N PHE A 235 10.90 -19.58 8.91
CA PHE A 235 9.86 -20.18 9.74
C PHE A 235 9.08 -21.25 8.98
N VAL A 236 8.90 -21.06 7.67
CA VAL A 236 8.13 -22.02 6.88
C VAL A 236 8.94 -23.28 6.60
N GLU A 237 10.25 -23.14 6.37
CA GLU A 237 11.11 -24.30 6.19
C GLU A 237 11.11 -25.20 7.40
N LEU A 238 11.00 -24.62 8.61
CA LEU A 238 11.08 -25.39 9.83
C LEU A 238 9.73 -26.00 10.24
N THR A 239 8.62 -25.55 9.65
CA THR A 239 7.31 -26.05 10.02
C THR A 239 6.52 -26.62 8.85
N GLY A 240 6.76 -26.15 7.63
CA GLY A 240 5.98 -26.61 6.49
C GLY A 240 4.52 -26.24 6.54
N ILE A 241 4.18 -25.11 7.15
CA ILE A 241 2.80 -24.65 7.27
C ILE A 241 2.46 -23.83 6.03
N PRO A 242 1.32 -24.09 5.37
CA PRO A 242 0.95 -23.29 4.20
C PRO A 242 0.67 -21.84 4.58
N VAL A 243 0.94 -20.94 3.64
CA VAL A 243 0.93 -19.50 3.87
C VAL A 243 -0.22 -18.89 3.07
N ALA A 244 -1.22 -18.36 3.78
CA ALA A 244 -2.27 -17.55 3.18
C ALA A 244 -1.99 -16.08 3.49
N SER A 245 -2.01 -15.25 2.46
CA SER A 245 -1.60 -13.85 2.59
C SER A 245 -2.79 -12.92 2.34
N THR A 246 -2.75 -11.75 2.98
CA THR A 246 -3.72 -10.71 2.70
C THR A 246 -3.27 -9.87 1.51
N LEU A 247 -4.17 -9.00 1.05
CA LEU A 247 -3.83 -8.11 -0.05
C LEU A 247 -2.66 -7.20 0.30
N MET A 248 -2.48 -6.92 1.60
CA MET A 248 -1.37 -6.08 2.05
C MET A 248 -0.08 -6.86 2.23
N GLY A 249 -0.15 -8.16 2.48
CA GLY A 249 1.04 -8.95 2.70
C GLY A 249 1.59 -9.66 1.48
N LEU A 250 1.03 -9.42 0.30
CA LEU A 250 1.49 -10.12 -0.90
C LEU A 250 2.97 -9.85 -1.12
N GLY A 251 3.74 -10.94 -1.25
CA GLY A 251 5.17 -10.86 -1.44
C GLY A 251 5.98 -11.23 -0.22
N SER A 252 5.38 -11.18 0.97
CA SER A 252 6.07 -11.61 2.18
C SER A 252 6.56 -13.04 2.03
N TYR A 253 5.69 -13.93 1.57
CA TYR A 253 6.05 -15.27 1.17
C TYR A 253 5.74 -15.42 -0.32
N PRO A 254 6.72 -15.87 -1.14
CA PRO A 254 6.60 -15.97 -2.60
C PRO A 254 5.33 -16.66 -3.09
N CSD A 255 4.62 -16.05 -4.03
CA CSD A 255 3.35 -16.57 -4.50
CB CSD A 255 2.57 -15.50 -5.27
SG CSD A 255 1.86 -14.26 -4.13
C CSD A 255 3.56 -17.80 -5.41
O CSD A 255 2.62 -18.62 -5.57
OD1 CSD A 255 0.54 -14.42 -3.53
OD2 CSD A 255 2.75 -12.91 -3.77
N ASP A 256 4.76 -17.95 -5.98
CA ASP A 256 5.04 -19.05 -6.89
C ASP A 256 5.50 -20.31 -6.16
N ASP A 257 5.58 -20.22 -4.83
CA ASP A 257 6.07 -21.33 -4.03
C ASP A 257 4.99 -22.41 -3.88
N GLU A 258 5.45 -23.62 -3.58
CA GLU A 258 4.54 -24.76 -3.46
C GLU A 258 3.64 -24.65 -2.24
N LEU A 259 4.13 -24.04 -1.16
CA LEU A 259 3.36 -23.90 0.06
C LEU A 259 2.52 -22.64 0.10
N SER A 260 2.53 -21.84 -0.96
CA SER A 260 1.78 -20.59 -0.99
C SER A 260 0.32 -20.85 -1.32
N LEU A 261 -0.58 -20.44 -0.44
CA LEU A 261 -2.02 -20.48 -0.69
C LEU A 261 -2.52 -19.22 -1.38
N HIS A 262 -1.63 -18.29 -1.71
CA HIS A 262 -1.96 -17.03 -2.39
C HIS A 262 -2.87 -16.21 -1.47
N MET A 263 -3.69 -15.34 -2.04
CA MET A 263 -4.51 -14.44 -1.24
C MET A 263 -5.73 -15.16 -0.69
N LEU A 264 -6.18 -14.72 0.48
CA LEU A 264 -7.42 -15.17 1.07
C LEU A 264 -8.36 -13.98 1.24
N GLY A 265 -9.64 -14.27 1.47
CA GLY A 265 -10.62 -13.24 1.75
C GLY A 265 -11.73 -13.22 0.72
N MET A 266 -12.34 -12.04 0.56
CA MET A 266 -13.49 -11.89 -0.31
C MET A 266 -13.18 -12.32 -1.74
N HIS A 267 -12.02 -11.92 -2.26
CA HIS A 267 -11.57 -12.33 -3.58
C HIS A 267 -10.34 -13.23 -3.50
N GLY A 268 -10.11 -13.88 -2.36
CA GLY A 268 -9.03 -14.82 -2.26
C GLY A 268 -9.37 -16.16 -2.89
N THR A 269 -8.33 -16.96 -3.12
CA THR A 269 -8.50 -18.25 -3.76
C THR A 269 -9.41 -19.14 -2.92
N VAL A 270 -10.05 -20.10 -3.59
CA VAL A 270 -10.97 -21.00 -2.91
C VAL A 270 -10.22 -21.86 -1.90
N TYR A 271 -8.99 -22.26 -2.25
CA TYR A 271 -8.23 -23.15 -1.37
C TYR A 271 -7.66 -22.42 -0.16
N ALA A 272 -7.34 -21.13 -0.29
CA ALA A 272 -6.85 -20.39 0.87
C ALA A 272 -7.97 -20.19 1.89
N ASN A 273 -9.15 -19.80 1.44
CA ASN A 273 -10.28 -19.68 2.35
C ASN A 273 -10.70 -21.02 2.91
N TYR A 274 -10.53 -22.10 2.14
CA TYR A 274 -10.83 -23.44 2.63
C TYR A 274 -9.88 -23.81 3.77
N ALA A 275 -8.59 -23.50 3.61
CA ALA A 275 -7.62 -23.84 4.65
C ALA A 275 -7.97 -23.16 5.97
N VAL A 276 -8.33 -21.89 5.93
CA VAL A 276 -8.68 -21.18 7.17
C VAL A 276 -9.99 -21.71 7.73
N GLU A 277 -10.92 -22.13 6.87
CA GLU A 277 -12.21 -22.60 7.35
C GLU A 277 -12.07 -23.89 8.16
N HIS A 278 -11.27 -24.83 7.66
CA HIS A 278 -11.10 -26.11 8.33
C HIS A 278 -9.70 -26.25 8.93
N SER A 279 -9.26 -25.22 9.66
CA SER A 279 -7.97 -25.24 10.33
C SER A 279 -8.18 -25.40 11.83
N ASP A 280 -7.15 -25.94 12.51
CA ASP A 280 -7.16 -26.02 13.96
C ASP A 280 -6.16 -25.07 14.60
N LEU A 281 -5.23 -24.51 13.83
CA LEU A 281 -4.28 -23.54 14.34
C LEU A 281 -4.10 -22.44 13.30
N LEU A 282 -4.48 -21.22 13.66
CA LEU A 282 -4.37 -20.06 12.77
C LEU A 282 -3.29 -19.14 13.30
N LEU A 283 -2.18 -19.04 12.57
CA LEU A 283 -1.08 -18.17 12.95
C LEU A 283 -1.27 -16.83 12.24
N ALA A 284 -1.90 -15.88 12.94
CA ALA A 284 -2.19 -14.56 12.38
C ALA A 284 -1.02 -13.64 12.67
N PHE A 285 -0.10 -13.53 11.72
CA PHE A 285 1.13 -12.75 11.88
C PHE A 285 1.02 -11.47 11.07
N GLY A 286 0.92 -10.34 11.76
CA GLY A 286 0.91 -9.05 11.09
C GLY A 286 -0.36 -8.75 10.33
N VAL A 287 -1.51 -9.10 10.90
CA VAL A 287 -2.80 -8.87 10.26
C VAL A 287 -3.68 -8.10 11.23
N ARG A 288 -4.85 -7.67 10.73
CA ARG A 288 -5.81 -6.93 11.54
C ARG A 288 -7.24 -7.47 11.42
N PHE A 289 -7.43 -8.68 10.90
CA PHE A 289 -8.73 -9.35 10.85
C PHE A 289 -9.79 -8.44 10.22
N ASP A 290 -9.54 -8.04 8.97
CA ASP A 290 -10.44 -7.17 8.25
C ASP A 290 -11.67 -7.94 7.77
N ASP A 291 -12.79 -7.22 7.60
CA ASP A 291 -14.02 -7.85 7.12
C ASP A 291 -13.84 -8.45 5.73
N ARG A 292 -12.90 -7.91 4.95
CA ARG A 292 -12.64 -8.47 3.62
C ARG A 292 -12.03 -9.86 3.72
N VAL A 293 -11.36 -10.16 4.83
CA VAL A 293 -10.76 -11.48 5.02
C VAL A 293 -11.69 -12.42 5.77
N THR A 294 -12.38 -11.91 6.79
CA THR A 294 -13.17 -12.77 7.67
C THR A 294 -14.62 -12.92 7.20
N GLY A 295 -15.25 -11.83 6.78
CA GLY A 295 -16.67 -11.89 6.49
C GLY A 295 -17.43 -12.00 7.80
N LYS A 296 -18.32 -12.99 7.89
CA LYS A 296 -19.00 -13.25 9.15
C LYS A 296 -17.97 -13.75 10.17
N LEU A 297 -17.73 -12.94 11.21
CA LEU A 297 -16.66 -13.25 12.15
C LEU A 297 -16.90 -14.55 12.90
N GLU A 298 -18.15 -14.88 13.19
CA GLU A 298 -18.44 -16.12 13.91
C GLU A 298 -18.01 -17.35 13.12
N ALA A 299 -18.10 -17.29 11.79
CA ALA A 299 -17.76 -18.44 10.95
C ALA A 299 -16.28 -18.46 10.54
N PHE A 300 -15.55 -17.38 10.79
CA PHE A 300 -14.15 -17.30 10.37
C PHE A 300 -13.26 -18.06 11.34
N ALA A 301 -12.57 -19.09 10.82
CA ALA A 301 -11.68 -19.93 11.62
C ALA A 301 -12.40 -20.47 12.86
N SER A 302 -13.61 -20.98 12.65
CA SER A 302 -14.45 -21.44 13.74
C SER A 302 -13.91 -22.67 14.44
N ARG A 303 -12.94 -23.38 13.85
CA ARG A 303 -12.39 -24.59 14.44
C ARG A 303 -10.92 -24.45 14.82
N ALA A 304 -10.39 -23.23 14.83
CA ALA A 304 -8.95 -23.02 14.94
C ALA A 304 -8.59 -22.33 16.25
N LYS A 305 -7.47 -22.77 16.84
CA LYS A 305 -6.82 -22.03 17.91
C LYS A 305 -6.05 -20.87 17.27
N ILE A 306 -6.42 -19.64 17.64
CA ILE A 306 -5.96 -18.45 16.93
C ILE A 306 -4.80 -17.84 17.71
N VAL A 307 -3.65 -17.72 17.05
CA VAL A 307 -2.46 -17.07 17.60
C VAL A 307 -2.28 -15.76 16.83
N HIS A 308 -2.38 -14.65 17.54
CA HIS A 308 -2.31 -13.32 16.92
C HIS A 308 -1.09 -12.59 17.44
N ILE A 309 -0.15 -12.28 16.53
CA ILE A 309 1.01 -11.47 16.83
C ILE A 309 0.85 -10.12 16.13
N ASP A 310 0.96 -9.05 16.90
CA ASP A 310 0.73 -7.72 16.34
C ASP A 310 1.42 -6.69 17.23
N ILE A 311 1.95 -5.65 16.61
CA ILE A 311 2.66 -4.61 17.34
C ILE A 311 1.74 -3.55 17.92
N ASP A 312 0.46 -3.58 17.55
CA ASP A 312 -0.54 -2.66 18.08
C ASP A 312 -1.44 -3.43 19.04
N SER A 313 -1.36 -3.10 20.32
CA SER A 313 -2.16 -3.79 21.32
C SER A 313 -3.66 -3.63 21.09
N ALA A 314 -4.07 -2.55 20.42
CA ALA A 314 -5.48 -2.29 20.15
C ALA A 314 -6.07 -3.24 19.12
N GLU A 315 -5.24 -3.96 18.37
CA GLU A 315 -5.73 -4.89 17.36
C GLU A 315 -5.89 -6.31 17.88
N ILE A 316 -5.32 -6.62 19.04
CA ILE A 316 -5.38 -7.98 19.58
C ILE A 316 -6.71 -8.16 20.31
N GLY A 317 -7.54 -9.06 19.81
CA GLY A 317 -8.87 -9.25 20.35
C GLY A 317 -9.87 -8.19 19.95
N LYS A 318 -9.57 -7.41 18.91
CA LYS A 318 -10.47 -6.34 18.49
C LYS A 318 -11.73 -6.89 17.83
N ASN A 319 -11.56 -7.78 16.84
CA ASN A 319 -12.66 -8.39 16.13
C ASN A 319 -12.78 -9.88 16.36
N LYS A 320 -11.65 -10.58 16.51
CA LYS A 320 -11.63 -12.01 16.75
C LYS A 320 -10.74 -12.27 17.96
N THR A 321 -11.30 -12.87 19.00
CA THR A 321 -10.57 -13.07 20.24
C THR A 321 -9.64 -14.28 20.09
N PRO A 322 -8.33 -14.12 20.28
CA PRO A 322 -7.40 -15.24 20.11
C PRO A 322 -7.20 -16.03 21.40
N HIS A 323 -6.62 -17.21 21.24
CA HIS A 323 -6.20 -18.00 22.40
C HIS A 323 -4.88 -17.49 22.95
N VAL A 324 -3.83 -17.52 22.13
CA VAL A 324 -2.52 -17.01 22.48
C VAL A 324 -2.29 -15.71 21.74
N SER A 325 -1.67 -14.74 22.42
CA SER A 325 -1.40 -13.44 21.82
C SER A 325 0.01 -12.99 22.19
N VAL A 326 0.66 -12.31 21.26
CA VAL A 326 1.99 -11.73 21.47
C VAL A 326 1.95 -10.31 20.92
N CYS A 327 2.19 -9.33 21.80
CA CYS A 327 2.20 -7.93 21.41
C CYS A 327 3.64 -7.48 21.23
N GLY A 328 4.08 -7.38 19.98
CA GLY A 328 5.44 -6.99 19.69
C GLY A 328 5.73 -7.10 18.21
N ASP A 329 7.02 -7.05 17.89
CA ASP A 329 7.47 -7.10 16.51
C ASP A 329 7.44 -8.55 16.02
N VAL A 330 6.66 -8.80 14.96
CA VAL A 330 6.58 -10.16 14.41
C VAL A 330 7.94 -10.60 13.87
N LYS A 331 8.79 -9.65 13.49
CA LYS A 331 10.14 -9.99 13.05
C LYS A 331 10.92 -10.66 14.18
N LEU A 332 10.84 -10.10 15.39
CA LEU A 332 11.52 -10.69 16.53
C LEU A 332 10.87 -12.00 16.95
N ALA A 333 9.54 -12.06 16.90
CA ALA A 333 8.84 -13.27 17.30
C ALA A 333 9.22 -14.44 16.38
N LEU A 334 9.40 -14.16 15.09
CA LEU A 334 9.83 -15.21 14.17
C LEU A 334 11.26 -15.63 14.45
N GLN A 335 12.15 -14.68 14.73
CA GLN A 335 13.53 -15.01 15.05
C GLN A 335 13.61 -15.89 16.30
N GLY A 336 12.80 -15.58 17.30
CA GLY A 336 12.80 -16.40 18.51
C GLY A 336 12.22 -17.78 18.28
N MET A 337 11.15 -17.87 17.49
CA MET A 337 10.56 -19.17 17.21
C MET A 337 11.43 -20.01 16.29
N ASN A 338 12.24 -19.37 15.43
CA ASN A 338 13.11 -20.13 14.55
C ASN A 338 14.21 -20.84 15.34
N LYS A 339 14.73 -20.21 16.39
CA LYS A 339 15.76 -20.84 17.20
C LYS A 339 15.21 -22.03 17.97
N VAL A 340 13.96 -21.92 18.46
CA VAL A 340 13.35 -23.03 19.17
C VAL A 340 13.06 -24.18 18.21
N LEU A 341 12.50 -23.87 17.04
CA LEU A 341 12.19 -24.91 16.06
C LEU A 341 13.44 -25.57 15.50
N GLU A 342 14.60 -24.91 15.57
CA GLU A 342 15.83 -25.46 15.04
C GLU A 342 16.53 -26.39 16.05
N ASN A 343 16.56 -26.00 17.33
CA ASN A 343 17.18 -26.85 18.34
C ASN A 343 16.32 -28.07 18.62
N ARG A 344 15.04 -27.87 18.92
CA ARG A 344 14.07 -28.93 19.10
C ARG A 344 13.54 -29.50 17.78
N ALA A 345 14.37 -29.51 16.73
CA ALA A 345 13.90 -30.00 15.43
C ALA A 345 13.53 -31.47 15.49
N GLU A 346 14.50 -32.34 15.75
CA GLU A 346 14.26 -33.78 15.81
C GLU A 346 13.34 -34.16 16.98
N GLU A 347 13.24 -33.32 18.00
CA GLU A 347 12.36 -33.61 19.12
C GLU A 347 10.89 -33.44 18.74
N LEU A 348 10.59 -32.46 17.88
CA LEU A 348 9.20 -32.15 17.54
C LEU A 348 8.67 -33.02 16.40
N LYS A 349 9.51 -33.34 15.41
CA LYS A 349 9.15 -34.16 14.27
C LYS A 349 7.89 -33.61 13.58
N LEU A 350 7.99 -32.36 13.14
CA LEU A 350 6.88 -31.69 12.49
C LEU A 350 6.70 -32.20 11.06
N ASP A 351 5.48 -32.59 10.73
CA ASP A 351 5.15 -33.00 9.37
C ASP A 351 3.66 -32.81 9.17
N PHE A 352 3.29 -31.90 8.25
CA PHE A 352 1.90 -31.64 7.93
C PHE A 352 1.58 -32.01 6.50
N GLY A 353 2.29 -33.00 5.95
CA GLY A 353 2.08 -33.39 4.56
C GLY A 353 0.68 -33.88 4.28
N VAL A 354 0.01 -34.44 5.30
CA VAL A 354 -1.36 -34.92 5.12
C VAL A 354 -2.31 -33.74 4.98
N TRP A 355 -2.11 -32.69 5.78
CA TRP A 355 -2.92 -31.49 5.66
C TRP A 355 -2.60 -30.73 4.37
N ARG A 356 -1.32 -30.70 3.98
CA ARG A 356 -0.93 -30.01 2.76
C ARG A 356 -1.57 -30.66 1.53
N ASN A 357 -1.66 -31.98 1.52
CA ASN A 357 -2.28 -32.64 0.37
C ASN A 357 -3.79 -32.47 0.36
N GLU A 358 -4.41 -32.31 1.53
CA GLU A 358 -5.83 -31.97 1.57
C GLU A 358 -6.07 -30.61 0.93
N LEU A 359 -5.10 -29.70 1.05
CA LEU A 359 -5.21 -28.39 0.42
C LEU A 359 -4.82 -28.44 -1.05
N ASN A 360 -3.77 -29.20 -1.38
CA ASN A 360 -3.39 -29.37 -2.79
C ASN A 360 -4.48 -30.02 -3.61
N VAL A 361 -5.40 -30.76 -2.97
CA VAL A 361 -6.57 -31.26 -3.70
C VAL A 361 -7.51 -30.11 -4.04
N GLN A 362 -7.81 -29.26 -3.05
CA GLN A 362 -8.61 -28.07 -3.33
C GLN A 362 -7.89 -27.14 -4.29
N LYS A 363 -6.55 -27.14 -4.28
CA LYS A 363 -5.80 -26.28 -5.19
C LYS A 363 -5.94 -26.72 -6.63
N GLN A 364 -6.09 -28.03 -6.88
CA GLN A 364 -6.23 -28.53 -8.23
C GLN A 364 -7.69 -28.58 -8.70
N LYS A 365 -8.65 -28.65 -7.78
CA LYS A 365 -10.06 -28.69 -8.16
C LYS A 365 -10.68 -27.31 -8.25
N PHE A 366 -10.17 -26.33 -7.51
CA PHE A 366 -10.68 -24.96 -7.53
C PHE A 366 -9.53 -23.98 -7.70
N PRO A 367 -8.87 -23.96 -8.86
CA PRO A 367 -7.80 -23.00 -9.09
C PRO A 367 -8.34 -21.70 -9.67
N LEU A 368 -7.48 -20.69 -9.67
CA LEU A 368 -7.82 -19.41 -10.30
C LEU A 368 -7.98 -19.61 -11.79
N SER A 369 -9.17 -19.26 -12.31
CA SER A 369 -9.51 -19.55 -13.69
C SER A 369 -10.06 -18.31 -14.38
N PHE A 370 -9.77 -18.20 -15.66
CA PHE A 370 -10.35 -17.15 -16.50
C PHE A 370 -10.72 -17.75 -17.85
N LYS A 371 -11.77 -17.19 -18.45
CA LYS A 371 -12.30 -17.65 -19.72
C LYS A 371 -11.85 -16.72 -20.85
N THR A 372 -11.43 -17.31 -21.97
CA THR A 372 -10.95 -16.55 -23.12
C THR A 372 -12.02 -16.58 -24.21
N PHE A 373 -12.53 -15.40 -24.59
CA PHE A 373 -13.62 -15.28 -25.56
C PHE A 373 -13.06 -14.76 -26.88
N GLY A 374 -12.99 -15.63 -27.88
CA GLY A 374 -12.52 -15.21 -29.19
C GLY A 374 -11.12 -14.64 -29.12
N GLU A 375 -10.93 -13.50 -29.79
CA GLU A 375 -9.67 -12.78 -29.76
C GLU A 375 -9.63 -11.68 -28.71
N ALA A 376 -10.71 -11.52 -27.95
CA ALA A 376 -10.75 -10.51 -26.90
C ALA A 376 -9.69 -10.78 -25.85
N ILE A 377 -9.10 -9.72 -25.33
CA ILE A 377 -8.02 -9.83 -24.35
C ILE A 377 -8.60 -10.09 -22.96
N PRO A 378 -8.29 -11.22 -22.33
CA PRO A 378 -8.65 -11.40 -20.93
C PRO A 378 -7.73 -10.58 -20.04
N PRO A 379 -8.29 -9.75 -19.16
CA PRO A 379 -7.41 -8.95 -18.28
C PRO A 379 -6.53 -9.82 -17.41
N GLN A 380 -7.05 -10.97 -16.96
CA GLN A 380 -6.23 -11.90 -16.19
C GLN A 380 -5.03 -12.37 -17.00
N TYR A 381 -5.25 -12.70 -18.28
CA TYR A 381 -4.15 -13.15 -19.12
C TYR A 381 -3.12 -12.06 -19.36
N ALA A 382 -3.57 -10.81 -19.53
CA ALA A 382 -2.65 -9.71 -19.75
C ALA A 382 -1.70 -9.54 -18.58
N ILE A 383 -2.23 -9.60 -17.35
CA ILE A 383 -1.37 -9.47 -16.17
C ILE A 383 -0.43 -10.65 -16.07
N LYS A 384 -0.89 -11.85 -16.42
CA LYS A 384 -0.01 -13.02 -16.36
C LYS A 384 1.12 -12.92 -17.38
N VAL A 385 0.86 -12.30 -18.54
CA VAL A 385 1.93 -12.07 -19.51
C VAL A 385 2.94 -11.08 -18.95
N LEU A 386 2.46 -10.00 -18.33
CA LEU A 386 3.37 -9.04 -17.70
C LEU A 386 4.23 -9.71 -16.65
N ASP A 387 3.67 -10.66 -15.90
CA ASP A 387 4.46 -11.43 -14.95
C ASP A 387 5.57 -12.19 -15.66
N GLU A 388 5.24 -12.86 -16.76
CA GLU A 388 6.21 -13.67 -17.49
C GLU A 388 7.32 -12.80 -18.07
N LEU A 389 6.95 -11.69 -18.72
CA LEU A 389 7.94 -10.88 -19.42
C LEU A 389 8.80 -10.05 -18.48
N THR A 390 8.36 -9.83 -17.24
CA THR A 390 9.15 -9.11 -16.26
C THR A 390 9.83 -10.04 -15.26
N ASP A 391 9.66 -11.35 -15.41
CA ASP A 391 10.23 -12.35 -14.50
C ASP A 391 9.72 -12.18 -13.08
N GLY A 392 8.56 -11.55 -12.91
CA GLY A 392 7.98 -11.35 -11.60
C GLY A 392 8.77 -10.43 -10.68
N LYS A 393 9.68 -9.63 -11.22
CA LYS A 393 10.56 -8.79 -10.43
C LYS A 393 10.25 -7.31 -10.61
N ALA A 394 9.01 -6.99 -10.97
CA ALA A 394 8.60 -5.62 -11.22
C ALA A 394 7.85 -5.06 -10.02
N ILE A 395 7.93 -3.75 -9.84
CA ILE A 395 7.16 -3.04 -8.83
C ILE A 395 5.80 -2.70 -9.45
N ILE A 396 4.73 -3.21 -8.84
CA ILE A 396 3.38 -3.07 -9.38
C ILE A 396 2.57 -2.17 -8.46
N SER A 397 2.11 -1.04 -8.99
CA SER A 397 1.11 -0.23 -8.33
C SER A 397 -0.20 -0.33 -9.11
N THR A 398 -1.32 -0.24 -8.40
CA THR A 398 -2.62 -0.39 -9.01
C THR A 398 -3.58 0.69 -8.51
N GLY A 399 -4.65 0.87 -9.26
CA GLY A 399 -5.78 1.65 -8.80
C GLY A 399 -6.64 0.81 -7.88
N VAL A 400 -7.95 0.96 -7.98
CA VAL A 400 -8.90 0.21 -7.16
C VAL A 400 -10.05 -0.26 -8.04
N GLY A 401 -10.36 -1.54 -7.98
CA GLY A 401 -11.44 -2.12 -8.75
C GLY A 401 -11.09 -3.52 -9.19
N GLN A 402 -11.73 -3.95 -10.28
CA GLN A 402 -11.49 -5.29 -10.81
C GLN A 402 -10.03 -5.48 -11.18
N HIS A 403 -9.43 -4.49 -11.86
CA HIS A 403 -8.04 -4.61 -12.25
C HIS A 403 -7.13 -4.77 -11.05
N GLN A 404 -7.51 -4.17 -9.91
CA GLN A 404 -6.71 -4.30 -8.70
C GLN A 404 -6.68 -5.74 -8.21
N MET A 405 -7.82 -6.42 -8.27
CA MET A 405 -7.87 -7.82 -7.83
C MET A 405 -7.09 -8.72 -8.77
N TRP A 406 -7.26 -8.54 -10.08
CA TRP A 406 -6.54 -9.38 -11.04
C TRP A 406 -5.04 -9.17 -10.95
N ALA A 407 -4.60 -7.95 -10.64
CA ALA A 407 -3.17 -7.72 -10.42
C ALA A 407 -2.68 -8.45 -9.18
N ALA A 408 -3.54 -8.62 -8.18
CA ALA A 408 -3.16 -9.37 -6.99
C ALA A 408 -3.23 -10.87 -7.22
N GLN A 409 -4.16 -11.33 -8.06
CA GLN A 409 -4.35 -12.76 -8.29
C GLN A 409 -3.31 -13.33 -9.25
N PHE A 410 -3.11 -12.68 -10.39
CA PHE A 410 -2.37 -13.25 -11.50
C PHE A 410 -0.97 -12.65 -11.65
N TYR A 411 -0.36 -12.22 -10.55
CA TYR A 411 1.04 -11.82 -10.54
C TYR A 411 1.70 -12.44 -9.33
N ASN A 412 2.85 -13.07 -9.54
CA ASN A 412 3.55 -13.81 -8.50
C ASN A 412 4.65 -12.90 -7.95
N TYR A 413 4.32 -12.17 -6.89
CA TYR A 413 5.28 -11.28 -6.25
C TYR A 413 6.27 -12.10 -5.44
N LYS A 414 7.55 -11.90 -5.72
CA LYS A 414 8.58 -12.73 -5.11
C LYS A 414 9.12 -12.13 -3.82
N LYS A 415 9.13 -10.81 -3.70
CA LYS A 415 9.60 -10.12 -2.52
C LYS A 415 8.56 -9.07 -2.10
N PRO A 416 8.51 -8.72 -0.81
CA PRO A 416 7.60 -7.65 -0.39
C PRO A 416 8.05 -6.31 -0.94
N ARG A 417 7.15 -5.33 -0.85
CA ARG A 417 7.34 -3.98 -1.37
C ARG A 417 7.45 -3.93 -2.88
N GLN A 418 6.99 -4.98 -3.56
CA GLN A 418 6.73 -4.91 -5.00
C GLN A 418 5.27 -4.60 -5.28
N TRP A 419 4.40 -4.76 -4.28
CA TRP A 419 2.96 -4.64 -4.43
C TRP A 419 2.50 -3.39 -3.70
N LEU A 420 2.14 -2.36 -4.46
CA LEU A 420 1.70 -1.08 -3.92
C LEU A 420 0.24 -0.89 -4.31
N SER A 421 -0.66 -1.00 -3.34
CA SER A 421 -2.08 -0.92 -3.63
C SER A 421 -2.82 -0.39 -2.41
N SER A 422 -3.83 0.44 -2.65
CA SER A 422 -4.66 0.99 -1.57
C SER A 422 -5.65 -0.08 -1.12
N GLY A 423 -5.41 -0.65 0.06
CA GLY A 423 -6.24 -1.73 0.56
C GLY A 423 -7.24 -1.31 1.62
N GLY A 424 -6.78 -0.53 2.60
CA GLY A 424 -7.66 -0.11 3.68
C GLY A 424 -8.68 0.93 3.24
N LEU A 425 -8.21 2.02 2.64
CA LEU A 425 -9.14 3.03 2.15
C LEU A 425 -9.67 2.66 0.76
N GLY A 426 -8.83 2.08 -0.08
CA GLY A 426 -9.23 1.72 -1.43
C GLY A 426 -9.49 2.92 -2.30
N ALA A 427 -8.51 3.81 -2.41
CA ALA A 427 -8.67 5.09 -3.08
C ALA A 427 -8.31 4.98 -4.56
N MET A 428 -9.27 5.22 -5.43
CA MET A 428 -8.97 5.31 -6.85
C MET A 428 -8.02 6.46 -7.12
N GLY A 429 -7.28 6.34 -8.23
CA GLY A 429 -6.28 7.33 -8.54
C GLY A 429 -4.98 7.16 -7.80
N PHE A 430 -4.84 6.06 -7.07
CA PHE A 430 -3.61 5.79 -6.33
C PHE A 430 -2.50 5.28 -7.23
N GLY A 431 -2.84 4.53 -8.28
CA GLY A 431 -1.82 3.78 -9.00
C GLY A 431 -0.79 4.65 -9.69
N LEU A 432 -1.24 5.62 -10.47
CA LEU A 432 -0.29 6.42 -11.25
C LEU A 432 0.66 7.22 -10.37
N PRO A 433 0.21 8.00 -9.37
CA PRO A 433 1.18 8.70 -8.54
C PRO A 433 2.04 7.79 -7.69
N ALA A 434 1.50 6.66 -7.22
CA ALA A 434 2.31 5.75 -6.41
C ALA A 434 3.47 5.18 -7.22
N ALA A 435 3.23 4.93 -8.51
CA ALA A 435 4.32 4.50 -9.38
C ALA A 435 5.40 5.58 -9.50
N ILE A 436 5.00 6.85 -9.47
CA ILE A 436 5.97 7.95 -9.51
C ILE A 436 6.90 7.86 -8.29
N GLY A 437 6.32 7.74 -7.10
CA GLY A 437 7.13 7.64 -5.91
C GLY A 437 7.96 6.37 -5.85
N ALA A 438 7.44 5.27 -6.40
CA ALA A 438 8.21 4.03 -6.44
C ALA A 438 9.39 4.13 -7.40
N SER A 439 9.17 4.74 -8.56
CA SER A 439 10.25 4.90 -9.53
C SER A 439 11.34 5.82 -9.01
N VAL A 440 10.98 6.83 -8.24
CA VAL A 440 11.98 7.75 -7.69
C VAL A 440 12.81 7.05 -6.62
N ALA A 441 12.19 6.22 -5.80
CA ALA A 441 12.89 5.50 -4.76
C ALA A 441 13.66 4.30 -5.29
N ASN A 442 13.33 3.83 -6.50
CA ASN A 442 13.99 2.68 -7.11
C ASN A 442 14.22 2.99 -8.58
N PRO A 443 15.23 3.80 -8.90
CA PRO A 443 15.40 4.25 -10.28
C PRO A 443 15.70 3.12 -11.25
N ASP A 444 16.35 2.05 -10.80
CA ASP A 444 16.74 0.95 -11.67
C ASP A 444 15.74 -0.19 -11.68
N ALA A 445 14.50 0.08 -11.27
CA ALA A 445 13.49 -0.95 -11.14
C ALA A 445 12.44 -0.83 -12.24
N ILE A 446 11.83 -1.96 -12.58
CA ILE A 446 10.69 -1.97 -13.50
C ILE A 446 9.46 -1.58 -12.69
N VAL A 447 8.89 -0.43 -13.02
CA VAL A 447 7.70 0.08 -12.32
C VAL A 447 6.55 0.09 -13.32
N VAL A 448 5.50 -0.68 -13.01
CA VAL A 448 4.33 -0.81 -13.89
C VAL A 448 3.09 -0.46 -13.08
N ASP A 449 2.28 0.45 -13.62
CA ASP A 449 1.02 0.86 -13.00
C ASP A 449 -0.10 0.12 -13.72
N ILE A 450 -0.62 -0.94 -13.08
CA ILE A 450 -1.78 -1.65 -13.59
C ILE A 450 -3.03 -0.89 -13.14
N ASP A 451 -3.50 0.02 -13.99
CA ASP A 451 -4.56 0.94 -13.61
C ASP A 451 -5.84 0.62 -14.39
N GLY A 452 -6.96 1.11 -13.85
CA GLY A 452 -8.23 1.04 -14.53
C GLY A 452 -8.59 2.39 -15.15
N ASP A 453 -9.47 2.35 -16.14
CA ASP A 453 -9.80 3.57 -16.88
C ASP A 453 -10.48 4.61 -16.02
N GLY A 454 -11.12 4.20 -14.93
CA GLY A 454 -11.71 5.15 -14.00
C GLY A 454 -10.68 5.70 -13.03
N SER A 455 -9.85 4.79 -12.50
CA SER A 455 -8.82 5.21 -11.56
C SER A 455 -7.74 6.03 -12.26
N PHE A 456 -7.33 5.61 -13.46
CA PHE A 456 -6.24 6.28 -14.15
C PHE A 456 -6.57 7.74 -14.44
N ILE A 457 -7.82 8.02 -14.83
CA ILE A 457 -8.17 9.38 -15.24
C ILE A 457 -8.27 10.33 -14.05
N MET A 458 -8.49 9.81 -12.83
CA MET A 458 -8.66 10.69 -11.68
C MET A 458 -7.42 11.53 -11.41
N ASN A 459 -6.24 10.93 -11.51
CA ASN A 459 -4.98 11.65 -11.36
C ASN A 459 -4.17 11.55 -12.65
N VAL A 460 -4.84 11.71 -13.79
CA VAL A 460 -4.16 11.66 -15.07
C VAL A 460 -3.18 12.81 -15.22
N GLN A 461 -3.38 13.91 -14.49
CA GLN A 461 -2.47 15.04 -14.57
C GLN A 461 -1.04 14.67 -14.21
N GLU A 462 -0.84 13.61 -13.44
CA GLU A 462 0.52 13.24 -13.06
C GLU A 462 1.33 12.67 -14.21
N LEU A 463 0.71 12.44 -15.38
CA LEU A 463 1.49 12.10 -16.56
C LEU A 463 2.49 13.19 -16.90
N ALA A 464 2.13 14.46 -16.64
CA ALA A 464 3.08 15.54 -16.82
C ALA A 464 4.26 15.41 -15.88
N THR A 465 4.00 14.98 -14.64
CA THR A 465 5.08 14.78 -13.68
C THR A 465 6.03 13.68 -14.15
N ILE A 466 5.48 12.61 -14.73
CA ILE A 466 6.31 11.50 -15.20
C ILE A 466 7.24 11.96 -16.31
N ARG A 467 6.72 12.75 -17.26
CA ARG A 467 7.54 13.19 -18.38
C ARG A 467 8.64 14.15 -17.92
N VAL A 468 8.26 15.14 -17.11
CA VAL A 468 9.22 16.16 -16.68
C VAL A 468 10.36 15.52 -15.88
N GLU A 469 10.01 14.65 -14.95
CA GLU A 469 11.00 13.99 -14.11
C GLU A 469 11.66 12.80 -14.80
N ASN A 470 11.27 12.50 -16.04
CA ASN A 470 11.86 11.45 -16.86
C ASN A 470 11.96 10.14 -16.09
N LEU A 471 10.79 9.65 -15.67
CA LEU A 471 10.65 8.44 -14.88
C LEU A 471 10.18 7.30 -15.77
N PRO A 472 10.86 6.14 -15.73
CA PRO A 472 10.49 4.98 -16.56
C PRO A 472 9.23 4.26 -16.09
N VAL A 473 8.16 5.02 -15.90
CA VAL A 473 6.90 4.47 -15.41
C VAL A 473 6.13 3.87 -16.59
N LYS A 474 5.81 2.60 -16.48
CA LYS A 474 4.96 1.91 -17.45
C LYS A 474 3.52 1.91 -16.93
N VAL A 475 2.58 2.11 -17.83
CA VAL A 475 1.16 2.15 -17.49
C VAL A 475 0.49 1.01 -18.25
N LEU A 476 0.16 -0.07 -17.56
CA LEU A 476 -0.64 -1.15 -18.14
C LEU A 476 -2.10 -0.88 -17.80
N LEU A 477 -2.77 -0.15 -18.69
CA LEU A 477 -4.13 0.30 -18.46
C LEU A 477 -5.11 -0.76 -18.93
N LEU A 478 -5.81 -1.40 -18.00
CA LEU A 478 -6.84 -2.37 -18.33
C LEU A 478 -8.14 -1.61 -18.52
N ASN A 479 -8.53 -1.40 -19.78
CA ASN A 479 -9.65 -0.53 -20.12
C ASN A 479 -10.88 -1.38 -20.41
N ASN A 480 -11.89 -1.29 -19.54
CA ASN A 480 -13.17 -1.93 -19.74
C ASN A 480 -14.31 -0.94 -19.93
N GLN A 481 -14.00 0.35 -20.09
CA GLN A 481 -14.97 1.41 -20.32
C GLN A 481 -16.03 1.48 -19.22
N HIS A 482 -15.75 0.93 -18.05
CA HIS A 482 -16.72 0.88 -16.96
C HIS A 482 -16.03 1.05 -15.62
N LEU A 483 -16.81 1.40 -14.61
CA LEU A 483 -16.42 1.25 -13.22
C LEU A 483 -16.66 -0.21 -12.85
N GLY A 484 -15.67 -1.05 -13.20
CA GLY A 484 -15.91 -2.48 -13.28
C GLY A 484 -16.41 -3.10 -11.99
N MET A 485 -15.75 -2.77 -10.87
CA MET A 485 -16.13 -3.35 -9.60
CA MET A 485 -16.13 -3.35 -9.59
C MET A 485 -17.58 -3.04 -9.25
N VAL A 486 -18.01 -1.80 -9.46
CA VAL A 486 -19.40 -1.45 -9.20
C VAL A 486 -20.33 -2.13 -10.20
N MET A 487 -19.87 -2.27 -11.44
CA MET A 487 -20.65 -2.97 -12.45
C MET A 487 -20.85 -4.44 -12.06
N GLN A 488 -19.82 -5.07 -11.51
CA GLN A 488 -19.95 -6.46 -11.08
C GLN A 488 -20.99 -6.60 -9.98
N TRP A 489 -20.98 -5.67 -9.01
CA TRP A 489 -21.97 -5.73 -7.94
C TRP A 489 -23.38 -5.43 -8.47
N GLU A 490 -23.48 -4.64 -9.54
CA GLU A 490 -24.78 -4.42 -10.16
C GLU A 490 -25.31 -5.69 -10.79
N ASP A 491 -24.44 -6.44 -11.49
CA ASP A 491 -24.87 -7.68 -12.14
C ASP A 491 -25.30 -8.72 -11.12
N ARG A 492 -24.61 -8.78 -9.98
CA ARG A 492 -24.86 -9.84 -9.01
C ARG A 492 -26.08 -9.51 -8.13
N PHE A 493 -26.17 -8.29 -7.63
CA PHE A 493 -27.13 -7.97 -6.58
C PHE A 493 -28.15 -6.91 -6.98
N TYR A 494 -28.09 -6.38 -8.20
CA TYR A 494 -29.05 -5.36 -8.60
C TYR A 494 -29.58 -5.59 -10.01
N LYS A 495 -29.60 -6.86 -10.44
CA LYS A 495 -30.21 -7.26 -11.70
C LYS A 495 -29.61 -6.51 -12.90
N ALA A 496 -28.30 -6.27 -12.84
CA ALA A 496 -27.56 -5.63 -13.91
C ALA A 496 -28.12 -4.26 -14.29
N ASN A 497 -28.77 -3.59 -13.34
CA ASN A 497 -29.31 -2.25 -13.58
C ASN A 497 -28.17 -1.23 -13.44
N ARG A 498 -27.71 -0.70 -14.58
CA ARG A 498 -26.59 0.23 -14.59
C ARG A 498 -26.99 1.55 -13.94
N ALA A 499 -26.24 1.96 -12.91
CA ALA A 499 -26.44 3.22 -12.22
C ALA A 499 -25.13 4.02 -12.26
N HIS A 500 -24.88 4.63 -13.43
CA HIS A 500 -23.76 5.55 -13.62
C HIS A 500 -22.41 4.86 -13.47
N THR A 501 -22.27 3.70 -14.12
CA THR A 501 -21.01 2.97 -14.11
C THR A 501 -20.32 2.93 -15.47
N PHE A 502 -20.98 3.37 -16.54
CA PHE A 502 -20.35 3.43 -17.85
C PHE A 502 -19.53 4.71 -17.99
N LEU A 503 -18.28 4.58 -18.44
CA LEU A 503 -17.35 5.70 -18.50
C LEU A 503 -17.15 6.27 -19.89
N GLY A 504 -17.67 5.61 -20.93
CA GLY A 504 -17.52 6.08 -22.29
C GLY A 504 -18.58 7.10 -22.68
N ASP A 505 -18.68 7.32 -24.00
CA ASP A 505 -19.65 8.27 -24.54
C ASP A 505 -20.85 7.51 -25.07
N PRO A 506 -22.04 7.71 -24.51
CA PRO A 506 -23.22 6.98 -25.01
C PRO A 506 -23.56 7.29 -26.45
N ALA A 507 -23.19 8.48 -26.95
CA ALA A 507 -23.42 8.80 -28.36
C ALA A 507 -22.64 7.87 -29.27
N GLN A 508 -21.33 7.78 -29.06
CA GLN A 508 -20.48 6.83 -29.78
C GLN A 508 -20.23 5.65 -28.83
N GLU A 509 -21.24 4.78 -28.73
CA GLU A 509 -21.27 3.76 -27.69
C GLU A 509 -20.15 2.74 -27.84
N ASP A 510 -19.75 2.41 -29.07
CA ASP A 510 -18.73 1.41 -29.30
C ASP A 510 -17.34 2.01 -29.48
N GLU A 511 -17.20 3.32 -29.30
CA GLU A 511 -15.91 3.98 -29.38
C GLU A 511 -15.26 4.04 -28.00
N ILE A 512 -13.97 3.70 -27.95
CA ILE A 512 -13.19 3.75 -26.72
C ILE A 512 -13.10 5.21 -26.29
N PHE A 513 -13.74 5.56 -25.17
CA PHE A 513 -13.75 6.91 -24.66
C PHE A 513 -13.42 6.90 -23.18
N PRO A 514 -12.52 7.78 -22.71
CA PRO A 514 -11.74 8.68 -23.56
C PRO A 514 -10.60 7.96 -24.26
N ASN A 515 -9.97 8.65 -25.21
CA ASN A 515 -8.82 8.13 -25.94
C ASN A 515 -7.58 8.36 -25.05
N MET A 516 -7.26 7.35 -24.24
CA MET A 516 -6.18 7.51 -23.28
C MET A 516 -4.83 7.73 -23.96
N LEU A 517 -4.68 7.30 -25.22
CA LEU A 517 -3.41 7.51 -25.92
C LEU A 517 -3.10 8.98 -26.07
N LEU A 518 -4.14 9.80 -26.28
CA LEU A 518 -3.94 11.23 -26.43
C LEU A 518 -3.62 11.91 -25.09
N PHE A 519 -4.02 11.32 -23.96
CA PHE A 519 -3.55 11.82 -22.67
C PHE A 519 -2.03 11.65 -22.57
N ALA A 520 -1.51 10.49 -22.97
CA ALA A 520 -0.07 10.28 -22.96
C ALA A 520 0.62 11.15 -24.02
N ALA A 521 -0.04 11.36 -25.17
CA ALA A 521 0.54 12.22 -26.19
C ALA A 521 0.64 13.66 -25.70
N ALA A 522 -0.36 14.13 -24.96
CA ALA A 522 -0.34 15.50 -24.45
C ALA A 522 0.86 15.73 -23.55
N CYS A 523 1.35 14.68 -22.89
CA CYS A 523 2.51 14.80 -22.01
C CYS A 523 3.75 14.15 -22.62
N GLY A 524 3.76 13.96 -23.93
CA GLY A 524 4.94 13.43 -24.60
C GLY A 524 5.37 12.06 -24.15
N ILE A 525 4.41 11.18 -23.90
CA ILE A 525 4.69 9.82 -23.42
C ILE A 525 4.28 8.85 -24.52
N PRO A 526 5.20 8.00 -24.99
CA PRO A 526 4.84 6.99 -26.00
C PRO A 526 3.67 6.13 -25.52
N ALA A 527 2.73 5.88 -26.44
CA ALA A 527 1.51 5.17 -26.10
C ALA A 527 1.12 4.26 -27.25
N ALA A 528 0.32 3.24 -26.92
CA ALA A 528 -0.15 2.28 -27.91
C ALA A 528 -1.36 1.56 -27.33
N ARG A 529 -2.25 1.11 -28.22
CA ARG A 529 -3.43 0.36 -27.85
C ARG A 529 -3.40 -1.02 -28.49
N VAL A 530 -3.81 -2.03 -27.73
CA VAL A 530 -3.87 -3.41 -28.21
C VAL A 530 -5.26 -3.95 -27.89
N THR A 531 -5.89 -4.59 -28.87
CA THR A 531 -7.23 -5.14 -28.71
C THR A 531 -7.31 -6.64 -28.95
N LYS A 532 -6.48 -7.19 -29.83
CA LYS A 532 -6.48 -8.62 -30.12
C LYS A 532 -5.49 -9.34 -29.22
N LYS A 533 -5.92 -10.50 -28.71
CA LYS A 533 -5.10 -11.22 -27.74
C LYS A 533 -3.76 -11.66 -28.32
N ALA A 534 -3.70 -11.92 -29.62
CA ALA A 534 -2.44 -12.35 -30.24
C ALA A 534 -1.39 -11.25 -30.18
N ASP A 535 -1.80 -9.99 -30.37
CA ASP A 535 -0.89 -8.87 -30.35
C ASP A 535 -0.51 -8.43 -28.94
N LEU A 536 -1.05 -9.07 -27.91
CA LEU A 536 -0.84 -8.60 -26.54
C LEU A 536 0.59 -8.84 -26.09
N ARG A 537 1.15 -10.02 -26.38
CA ARG A 537 2.49 -10.35 -25.91
C ARG A 537 3.53 -9.39 -26.48
N GLU A 538 3.43 -9.09 -27.78
CA GLU A 538 4.37 -8.16 -28.39
C GLU A 538 4.15 -6.74 -27.89
N ALA A 539 2.90 -6.36 -27.61
CA ALA A 539 2.61 -5.00 -27.15
C ALA A 539 3.22 -4.74 -25.78
N ILE A 540 3.04 -5.68 -24.85
CA ILE A 540 3.63 -5.52 -23.52
C ILE A 540 5.15 -5.53 -23.61
N GLN A 541 5.71 -6.35 -24.49
CA GLN A 541 7.17 -6.37 -24.66
C GLN A 541 7.67 -5.03 -25.18
N THR A 542 6.92 -4.39 -26.08
CA THR A 542 7.30 -3.08 -26.57
C THR A 542 7.26 -2.05 -25.45
N MET A 543 6.25 -2.11 -24.59
CA MET A 543 6.15 -1.21 -23.45
C MET A 543 7.38 -1.33 -22.55
N LEU A 544 7.81 -2.57 -22.28
CA LEU A 544 8.95 -2.77 -21.39
C LEU A 544 10.25 -2.33 -22.05
N ASP A 545 10.41 -2.65 -23.34
CA ASP A 545 11.68 -2.38 -24.01
C ASP A 545 11.86 -0.91 -24.35
N THR A 546 10.78 -0.19 -24.62
CA THR A 546 10.87 1.24 -24.93
C THR A 546 11.37 2.01 -23.72
N PRO A 547 12.51 2.68 -23.79
CA PRO A 547 13.01 3.42 -22.62
C PRO A 547 12.09 4.57 -22.26
N GLY A 548 12.07 4.90 -20.97
CA GLY A 548 11.27 5.97 -20.45
C GLY A 548 9.84 5.56 -20.20
N PRO A 549 8.95 6.55 -20.08
CA PRO A 549 7.54 6.25 -19.82
C PRO A 549 6.87 5.60 -21.03
N TYR A 550 5.79 4.89 -20.74
CA TYR A 550 5.01 4.22 -21.78
C TYR A 550 3.63 3.88 -21.22
N LEU A 551 2.61 4.07 -22.05
CA LEU A 551 1.24 3.71 -21.70
C LEU A 551 0.71 2.70 -22.72
N LEU A 552 0.17 1.60 -22.23
CA LEU A 552 -0.40 0.54 -23.07
C LEU A 552 -1.88 0.43 -22.75
N ASP A 553 -2.72 0.87 -23.69
CA ASP A 553 -4.17 0.81 -23.53
C ASP A 553 -4.63 -0.60 -23.92
N VAL A 554 -4.96 -1.42 -22.93
CA VAL A 554 -5.36 -2.81 -23.13
C VAL A 554 -6.88 -2.87 -23.06
N ILE A 555 -7.53 -3.09 -24.20
CA ILE A 555 -8.98 -3.15 -24.26
C ILE A 555 -9.44 -4.53 -23.79
N CYS A 556 -10.40 -4.55 -22.89
CA CYS A 556 -10.92 -5.77 -22.29
C CYS A 556 -12.43 -5.80 -22.37
N PRO A 557 -13.02 -6.98 -22.53
CA PRO A 557 -14.49 -7.08 -22.44
C PRO A 557 -14.95 -6.75 -21.02
N HIS A 558 -15.98 -5.90 -20.94
CA HIS A 558 -16.39 -5.39 -19.63
C HIS A 558 -17.19 -6.40 -18.82
N GLN A 559 -17.71 -7.45 -19.46
CA GLN A 559 -18.54 -8.40 -18.74
C GLN A 559 -17.76 -9.32 -17.81
N GLU A 560 -16.44 -9.19 -17.73
CA GLU A 560 -15.65 -10.05 -16.85
C GLU A 560 -15.96 -9.76 -15.39
N HIS A 561 -15.90 -10.81 -14.57
CA HIS A 561 -16.11 -10.68 -13.13
C HIS A 561 -14.90 -11.22 -12.39
N VAL A 562 -14.57 -10.58 -11.27
CA VAL A 562 -13.51 -11.07 -10.40
C VAL A 562 -14.02 -12.29 -9.65
N LEU A 563 -13.31 -13.41 -9.79
CA LEU A 563 -13.70 -14.65 -9.15
C LEU A 563 -12.50 -15.26 -8.43
N PRO A 564 -12.72 -15.95 -7.31
CA PRO A 564 -14.05 -16.13 -6.69
C PRO A 564 -14.47 -14.92 -5.86
N MET A 565 -15.71 -14.92 -5.38
CA MET A 565 -16.25 -13.81 -4.61
C MET A 565 -17.10 -14.32 -3.46
N ILE A 566 -16.82 -13.83 -2.27
CA ILE A 566 -17.66 -14.06 -1.10
C ILE A 566 -18.42 -12.78 -0.82
N PRO A 567 -19.75 -12.80 -0.85
CA PRO A 567 -20.52 -11.56 -0.63
C PRO A 567 -20.23 -10.96 0.74
N SER A 568 -20.61 -9.69 0.88
CA SER A 568 -20.30 -8.94 2.10
C SER A 568 -20.94 -9.61 3.31
N GLY A 569 -20.11 -9.91 4.31
CA GLY A 569 -20.60 -10.55 5.51
C GLY A 569 -21.01 -12.01 5.35
N GLY A 570 -20.50 -12.69 4.33
CA GLY A 570 -20.82 -14.08 4.10
C GLY A 570 -19.80 -15.01 4.73
N THR A 571 -20.03 -16.31 4.50
CA THR A 571 -19.15 -17.36 4.98
C THR A 571 -18.50 -18.06 3.79
N PHE A 572 -17.65 -19.05 4.10
CA PHE A 572 -17.00 -19.80 3.04
C PHE A 572 -18.00 -20.56 2.19
N ASN A 573 -19.08 -21.06 2.79
CA ASN A 573 -20.10 -21.78 2.05
C ASN A 573 -20.93 -20.87 1.15
N ASP A 574 -20.74 -19.55 1.22
CA ASP A 574 -21.39 -18.60 0.35
C ASP A 574 -20.50 -18.16 -0.82
N VAL A 575 -19.40 -18.87 -1.07
CA VAL A 575 -18.44 -18.46 -2.08
C VAL A 575 -19.07 -18.61 -3.47
N ILE A 576 -18.85 -17.61 -4.31
CA ILE A 576 -19.29 -17.63 -5.71
C ILE A 576 -18.07 -17.97 -6.55
N THR A 577 -18.16 -19.02 -7.35
CA THR A 577 -17.02 -19.51 -8.11
C THR A 577 -17.18 -19.40 -9.62
N GLU A 578 -18.37 -19.09 -10.12
CA GLU A 578 -18.61 -19.02 -11.55
C GLU A 578 -19.61 -17.92 -11.87
N GLY A 579 -19.54 -17.42 -13.10
CA GLY A 579 -20.50 -16.44 -13.57
C GLY A 579 -19.89 -15.14 -14.06
N ASP A 580 -20.61 -14.44 -14.92
CA ASP A 580 -20.22 -13.12 -15.39
C ASP A 580 -21.49 -12.39 -15.84
N GLY A 581 -21.31 -11.24 -16.49
CA GLY A 581 -22.46 -10.45 -16.91
C GLY A 581 -22.83 -10.59 -18.37
N ARG A 582 -23.07 -11.82 -18.82
CA ARG A 582 -23.44 -12.05 -20.22
C ARG A 582 -24.77 -12.79 -20.34
MG MG B . -12.74 0.21 -15.48
PA FAD C . -2.65 -4.17 7.51
O1A FAD C . -1.59 -4.50 6.48
O2A FAD C . -3.54 -3.04 7.01
O5B FAD C . -1.89 -3.69 8.93
C5B FAD C . -0.81 -4.50 9.44
C4B FAD C . -1.20 -5.09 10.65
O4B FAD C . 0.00 -5.76 11.31
C3B FAD C . -1.71 -3.98 11.68
O3B FAD C . -2.68 -4.60 12.64
C2B FAD C . -0.41 -3.62 12.39
O2B FAD C . -0.66 -3.26 13.80
C1B FAD C . 0.43 -5.04 12.34
N9A FAD C . 1.84 -4.79 12.20
C8A FAD C . 2.39 -3.86 11.46
N7A FAD C . 3.71 -3.94 11.57
C5A FAD C . 4.01 -4.95 12.40
C6A FAD C . 5.20 -5.51 12.91
N6A FAD C . 6.50 -4.97 12.52
N1A FAD C . 5.12 -6.53 13.74
C2A FAD C . 3.95 -7.04 14.11
N3A FAD C . 2.81 -6.54 13.65
C4A FAD C . 2.82 -5.50 12.81
N1 FAD C . -7.78 -7.90 1.31
C2 FAD C . -7.69 -9.22 1.37
O2 FAD C . -6.75 -9.80 2.22
N3 FAD C . -8.48 -10.01 0.65
C4 FAD C . -9.38 -9.50 -0.18
O4 FAD C . -10.19 -10.36 -0.93
C4X FAD C . -9.51 -8.10 -0.28
N5 FAD C . -10.42 -7.52 -1.10
C5X FAD C . -10.27 -6.20 -1.36
C6 FAD C . -11.00 -5.65 -2.44
C7 FAD C . -10.87 -4.29 -2.73
C7M FAD C . -11.65 -3.68 -3.91
C8 FAD C . -10.03 -3.49 -1.97
C8M FAD C . -9.90 -2.00 -2.30
C9 FAD C . -9.32 -4.04 -0.89
C9A FAD C . -9.45 -5.41 -0.60
N10 FAD C . -8.75 -5.97 0.43
C10 FAD C . -8.67 -7.31 0.49
C1' FAD C . -7.80 -5.12 1.21
C2' FAD C . -8.36 -4.76 2.62
O2' FAD C . -9.65 -4.16 2.74
C3' FAD C . -7.40 -4.71 3.83
O3' FAD C . -6.43 -3.75 3.58
C4' FAD C . -6.77 -6.09 4.07
O4' FAD C . -7.74 -7.06 4.04
C5' FAD C . -6.15 -6.13 5.50
O5' FAD C . -4.73 -6.14 5.38
P FAD C . -3.89 -6.75 6.72
O1P FAD C . -4.76 -7.81 7.38
O2P FAD C . -2.58 -7.33 6.27
O3P FAD C . -3.59 -5.52 7.82
C15 WRQ D . -18.58 -1.98 4.43
C16 WRQ D . -20.80 0.49 3.27
C17 WRQ D . -19.62 -3.61 0.52
C18 WRQ D . -18.71 -3.77 -1.82
C19 WRQ D . -16.54 -4.38 -2.34
C20 WRQ D . -17.82 -3.11 -3.85
C21 WRQ D . -16.66 -3.73 -3.52
C22 WRQ D . -14.67 -5.59 -3.08
C23 WRQ D . -19.27 -2.20 -5.43
N10 WRQ D . -19.48 -2.03 3.29
N11 WRQ D . -20.76 -3.60 1.41
N12 WRQ D . -19.84 -3.77 -0.90
N13 WRQ D . -17.56 -4.39 -1.50
N14 WRQ D . -18.83 -3.12 -3.00
O03 WRQ D . -18.38 0.00 2.23
O04 WRQ D . -20.40 -0.95 1.11
O05 WRQ D . -21.76 -3.13 3.72
O06 WRQ D . -19.68 -4.54 3.56
O07 WRQ D . -18.54 -3.46 0.96
O08 WRQ D . -15.35 -5.03 -2.00
O09 WRQ D . -17.94 -2.45 -5.07
S01 WRQ D . -19.70 -0.62 2.34
S02 WRQ D . -20.47 -3.40 3.08
O1 TLA E . 16.15 8.97 -2.60
O11 TLA E . 15.56 7.63 -4.21
C1 TLA E . 16.46 8.25 -3.59
C2 TLA E . 17.92 8.12 -4.02
O2 TLA E . 18.24 9.12 -4.96
C3 TLA E . 18.17 6.74 -4.63
O3 TLA E . 19.48 6.64 -5.10
C4 TLA E . 17.93 5.66 -3.57
O4 TLA E . 16.79 5.11 -3.46
O41 TLA E . 18.88 5.30 -2.82
C3' NHE F . 0.16 8.67 19.55
C2' NHE F . 1.23 9.71 19.79
C1' NHE F . 0.73 10.93 20.59
C6' NHE F . -0.74 10.80 20.98
N NHE F . 1.56 11.04 21.79
C1 NHE F . 1.00 12.00 22.73
C2 NHE F . 0.90 11.36 24.11
S NHE F . 2.57 11.10 24.78
O1 NHE F . 2.60 11.24 26.29
O2 NHE F . 3.54 12.05 24.12
O3 NHE F . 3.01 9.67 24.62
C5' NHE F . -1.65 10.44 19.81
C4' NHE F . -1.10 9.31 18.95
CAB AUJ G . -16.21 3.70 -8.30
OAH AUJ G . -14.12 1.15 -3.65
OAG AUJ G . -10.74 2.20 -12.31
CAC AUJ G . -14.33 -0.97 -4.66
OAI AUJ G . -12.83 -1.20 -14.08
OAK AUJ G . -12.15 1.46 -13.96
CAA AUJ G . -12.01 7.82 -5.21
CAN AUJ G . -13.36 1.19 -10.41
CAO AUJ G . -14.69 1.68 -9.91
CAP AUJ G . -15.69 3.36 -5.31
CAX AUJ G . -15.42 2.58 -7.67
CAZ AUJ G . -14.77 1.64 -8.40
NAD AUJ G . -12.82 3.04 -4.50
OAF AUJ G . -11.03 -2.40 -13.29
OAJ AUJ G . -13.05 -2.23 -11.79
OAS AUJ G . -13.14 1.77 -11.66
OAT AUJ G . -11.52 -0.19 -12.14
SAU AUJ G . -14.05 0.39 -7.38
CBA AUJ G . -14.78 1.11 -5.94
CBC AUJ G . -14.86 0.44 -4.58
NBB AUJ G . -15.32 2.38 -6.26
PBD AUJ G . -12.10 -1.50 -12.81
PBE AUJ G . -11.89 1.29 -12.51
N1 AUJ G . -14.20 6.83 -5.59
C2 AUJ G . -12.95 6.64 -5.23
N3 AUJ G . -12.48 5.35 -4.85
C4 AUJ G . -13.29 4.33 -4.87
C5 AUJ G . -14.73 4.53 -5.28
C6 AUJ G . -15.13 5.76 -5.63
OBC1 AUJ G . -16.21 0.37 -4.17
OC11 AUJ G . -16.49 0.72 -2.77
MG MG H . -7.32 15.20 -10.92
MG MG I . -5.24 -18.10 -22.40
S SO4 J . 1.46 -2.35 0.51
O1 SO4 J . 0.94 -1.58 -0.62
O2 SO4 J . 0.82 -1.92 1.75
O3 SO4 J . 1.17 -3.77 0.29
O4 SO4 J . 2.91 -2.16 0.62
S SO4 K . -25.09 -6.03 -0.62
O1 SO4 K . -24.46 -4.86 -1.23
O2 SO4 K . -25.51 -5.71 0.75
O3 SO4 K . -26.26 -6.41 -1.40
O4 SO4 K . -24.14 -7.15 -0.58
#